data_5U74
#
_entry.id   5U74
#
_cell.length_a   174.870
_cell.length_b   222.115
_cell.length_c   107.851
_cell.angle_alpha   90.00
_cell.angle_beta   90.00
_cell.angle_gamma   90.00
#
_symmetry.space_group_name_H-M   'C 2 2 21'
#
loop_
_entity.id
_entity.type
_entity.pdbx_description
1 polymer 'Niemann-Pick C1 protein'
2 branched 2-acetamido-2-deoxy-beta-D-glucopyranose-(1-4)-2-acetamido-2-deoxy-beta-D-glucopyranose
3 branched alpha-D-mannopyranose-(1-3)-2-acetamido-2-deoxy-beta-D-glucopyranose-(1-4)-2-acetamido-2-deoxy-beta-D-glucopyranose
4 branched alpha-D-mannopyranose-(1-4)-2-acetamido-2-deoxy-beta-D-glucopyranose-(1-4)-2-acetamido-2-deoxy-beta-D-glucopyranose
5 non-polymer 2-acetamido-2-deoxy-beta-D-glucopyranose
6 non-polymer '2-(N-MORPHOLINO)-ETHANESULFONIC ACID'
#
_entity_poly.entity_id   1
_entity_poly.type   'polypeptide(L)'
_entity_poly.pdbx_seq_one_letter_code
;MTARGLALGLLLLLLCPAQVFSQSCVWYGECGIAYGDKRYNCEYSGPPKPLPKDGYDLVQELCPGFFFGNVSLCCDVRQL
QTLKDNLQLPLQFLSRCPSCFYNLLNLFCELTCSPRQSQFLNVTATEDYVDPVTNQTKTNVKELQYYVGQSFANAMYNAC
RDVEAPSSNDKALGLLCGKDADACNATNWIEYMFNKDNGQAPFTITPVFSDFPVHGMEPMNNATKGCDESVDEVTAPCSC
QDCSIVCGPKPQPPPPPAPWTILGLDAMYVIMWITYMAFLLVFFGAFFAVWCYRKRYFVSEYTPIDSNIAFSVNASDKGE
ASCCDPVSAAFEGCLRRLFTRWGSFCVRNPGCVIFFSLVFITACSSGLVFVRVTTNPVDLWSAPSSQARLEKEYFDQHFG
PFFRTEQLIIRAPLTDKHIYQPYPSGADVPFGPPLDIQILHQVLDLQIAIENITASYDNETVTLQDICLAPLSPYNTNCT
ILSVLNYFQNSHSVLDHKKGDDFFVYADYHTHFLYCVRAPASLNDTSLLHDPCLGTFGGPVFPWLVLGGYDDQNYNNATA
LVITFPVNNYYNDTEKLQRAQAWEKEFINFVKNYKNPNLTISFTAERSIEDELNRESDSDVFTVVISYAIMFLYISLALG
HIKSCRRLLVDSKVSLGIAGILIVLSSVACSLGVFSYIGLPLTLIVIEVIPFLVLAVGVDNIFILVQAYQRDERLQGETL
DQQLGRVLGEVAPSMFLSSFSETVAFFLGALSVMPAVHTFSLFAGLAVFIDFLLQITCFVSLLGLDIKRQEKNRLDIFCC
VRGAEDGTSVQASESCLFRFFKNSYSPLLLKDWMRPIVIAIFVGVLSFSIAVLNKVDIGLDQSLSMPDDSYMVDYFKSIS
QYLHAGPPVYFVLEEGHDYTSSKGQNMVCGGMGCNNDSLVQQIFNAAQLDNYTRIGFAPSSWIDDYFDWVKPQSSCCRVD
NITDQFCNASVVDPACVRCRPLTPEGKQRPQGGDFMRFLPMFLSDNPNPKCGKGGHAAYSSAVNILLGHGTRVGATYFMT
YHTVLQTSADFIDALKKARLIASNVTETMGINGSAYRVFPYSVFYVFYEQYLTIIDDTIFNLGVSLGAIFLVTMVLLGCE
LWSAVIMCATIAMVLVNMFGVMWLWGISLNAVSLVNLVMSCGISVEFCSHITRAFTVSMKGSRVERAEEALAHMGSSVFS
GITLTKFGGIVVLAFAKSQIFQIFYFRMYLAMVLLGATHGLIFLPVLLSYIGPSVNKAKSCATEERYKGTERERLLNF
;
_entity_poly.pdbx_strand_id   A
#
loop_
_chem_comp.id
_chem_comp.type
_chem_comp.name
_chem_comp.formula
MAN D-saccharide, alpha linking alpha-D-mannopyranose 'C6 H12 O6'
MES non-polymer '2-(N-MORPHOLINO)-ETHANESULFONIC ACID' 'C6 H13 N O4 S'
NAG D-saccharide, beta linking 2-acetamido-2-deoxy-beta-D-glucopyranose 'C8 H15 N O6'
#
# COMPACT_ATOMS: atom_id res chain seq x y z
N CYS A 334 25.00 -32.76 -22.88
CA CYS A 334 24.34 -34.02 -22.53
C CYS A 334 22.85 -33.97 -22.79
N LEU A 335 22.24 -32.82 -22.49
CA LEU A 335 20.78 -32.68 -22.64
C LEU A 335 20.32 -32.97 -24.06
N ARG A 336 21.19 -32.77 -25.05
CA ARG A 336 20.81 -32.97 -26.44
C ARG A 336 20.26 -34.37 -26.68
N ARG A 337 20.87 -35.39 -26.05
CA ARG A 337 20.36 -36.75 -26.18
C ARG A 337 18.94 -36.85 -25.65
N LEU A 338 18.67 -36.24 -24.50
CA LEU A 338 17.35 -36.36 -23.88
C LEU A 338 16.31 -35.63 -24.70
N PHE A 339 16.61 -34.40 -25.14
CA PHE A 339 15.61 -33.64 -25.90
C PHE A 339 15.38 -34.24 -27.28
N THR A 340 16.43 -34.79 -27.90
CA THR A 340 16.26 -35.45 -29.19
C THR A 340 15.41 -36.71 -29.04
N ARG A 341 15.83 -37.63 -28.16
CA ARG A 341 15.12 -38.88 -27.99
C ARG A 341 13.67 -38.63 -27.56
N TRP A 342 13.47 -37.67 -26.67
CA TRP A 342 12.11 -37.40 -26.19
C TRP A 342 11.27 -36.71 -27.24
N GLY A 343 11.89 -35.90 -28.10
CA GLY A 343 11.15 -35.34 -29.23
C GLY A 343 10.69 -36.42 -30.19
N SER A 344 11.58 -37.36 -30.51
CA SER A 344 11.18 -38.53 -31.29
C SER A 344 10.02 -39.25 -30.62
N PHE A 345 10.08 -39.41 -29.30
CA PHE A 345 8.97 -40.00 -28.56
C PHE A 345 7.67 -39.26 -28.80
N CYS A 346 7.69 -37.93 -28.68
CA CYS A 346 6.48 -37.13 -28.87
C CYS A 346 5.95 -37.25 -30.30
N VAL A 347 6.82 -37.48 -31.27
CA VAL A 347 6.34 -37.61 -32.65
C VAL A 347 5.72 -38.99 -32.85
N ARG A 348 6.40 -40.04 -32.38
CA ARG A 348 5.88 -41.41 -32.51
C ARG A 348 4.50 -41.53 -31.89
N ASN A 349 4.44 -41.46 -30.55
CA ASN A 349 3.21 -41.60 -29.79
C ASN A 349 2.82 -40.25 -29.21
N PRO A 350 1.96 -39.47 -29.88
CA PRO A 350 1.57 -38.16 -29.36
C PRO A 350 0.39 -38.19 -28.40
N GLY A 351 -0.27 -39.34 -28.24
CA GLY A 351 -1.44 -39.37 -27.37
C GLY A 351 -1.08 -39.29 -25.91
N CYS A 352 -0.07 -40.06 -25.49
CA CYS A 352 0.28 -40.14 -24.08
C CYS A 352 0.74 -38.80 -23.52
N VAL A 353 1.33 -37.96 -24.37
CA VAL A 353 1.85 -36.69 -23.85
C VAL A 353 0.74 -35.66 -23.78
N ILE A 354 -0.15 -35.61 -24.79
CA ILE A 354 -1.27 -34.68 -24.72
C ILE A 354 -2.18 -35.07 -23.55
N PHE A 355 -2.42 -36.36 -23.37
CA PHE A 355 -3.31 -36.81 -22.30
C PHE A 355 -2.65 -36.67 -20.93
N PHE A 356 -1.37 -37.02 -20.82
CA PHE A 356 -0.62 -36.78 -19.59
C PHE A 356 -0.68 -35.30 -19.19
N SER A 357 -0.33 -34.42 -20.12
CA SER A 357 -0.35 -32.98 -19.83
C SER A 357 -1.75 -32.52 -19.46
N LEU A 358 -2.78 -33.06 -20.12
CA LEU A 358 -4.14 -32.68 -19.79
C LEU A 358 -4.49 -33.06 -18.35
N VAL A 359 -4.14 -34.28 -17.94
CA VAL A 359 -4.35 -34.70 -16.56
C VAL A 359 -3.65 -33.74 -15.60
N PHE A 360 -2.41 -33.34 -15.94
CA PHE A 360 -1.70 -32.35 -15.13
C PHE A 360 -2.52 -31.07 -14.98
N ILE A 361 -2.91 -30.48 -16.12
CA ILE A 361 -3.61 -29.19 -16.13
C ILE A 361 -4.88 -29.25 -15.29
N THR A 362 -5.75 -30.22 -15.59
CA THR A 362 -6.98 -30.37 -14.81
C THR A 362 -6.67 -30.57 -13.33
N ALA A 363 -5.60 -31.29 -13.02
CA ALA A 363 -5.23 -31.52 -11.62
C ALA A 363 -4.86 -30.23 -10.90
N CYS A 364 -4.40 -29.21 -11.62
CA CYS A 364 -4.04 -27.95 -10.94
C CYS A 364 -5.19 -26.94 -10.95
N SER A 365 -5.84 -26.79 -12.09
CA SER A 365 -7.05 -25.97 -12.14
C SER A 365 -8.08 -26.46 -11.13
N SER A 366 -8.02 -27.74 -10.75
CA SER A 366 -8.83 -28.25 -9.65
C SER A 366 -8.69 -27.40 -8.39
N GLY A 367 -7.49 -26.91 -8.11
CA GLY A 367 -7.25 -26.11 -6.93
C GLY A 367 -7.50 -24.64 -7.15
N LEU A 368 -7.38 -24.23 -8.44
CA LEU A 368 -7.73 -22.87 -8.81
C LEU A 368 -9.00 -22.36 -8.15
N VAL A 369 -10.17 -22.84 -8.59
CA VAL A 369 -11.44 -22.36 -8.05
C VAL A 369 -11.56 -22.71 -6.58
N PHE A 370 -10.84 -23.73 -6.11
CA PHE A 370 -10.89 -24.08 -4.70
C PHE A 370 -10.54 -22.87 -3.85
N VAL A 371 -9.31 -22.37 -3.96
CA VAL A 371 -8.98 -21.26 -3.08
C VAL A 371 -9.35 -19.92 -3.69
N ARG A 372 -8.57 -19.45 -4.67
CA ARG A 372 -8.82 -18.18 -5.36
C ARG A 372 -9.14 -17.04 -4.38
N VAL A 373 -8.50 -17.04 -3.22
CA VAL A 373 -8.66 -15.95 -2.27
C VAL A 373 -7.83 -14.76 -2.75
N THR A 374 -8.50 -13.75 -3.30
CA THR A 374 -7.83 -12.52 -3.71
C THR A 374 -7.71 -11.61 -2.51
N THR A 375 -6.49 -11.49 -1.97
CA THR A 375 -6.30 -10.60 -0.83
C THR A 375 -6.68 -9.17 -1.22
N ASN A 376 -7.20 -8.42 -0.26
CA ASN A 376 -7.58 -7.04 -0.54
C ASN A 376 -7.44 -6.11 0.67
N PRO A 377 -7.35 -6.56 1.94
CA PRO A 377 -7.14 -5.57 3.00
C PRO A 377 -5.83 -4.83 2.77
N VAL A 378 -5.88 -3.52 2.96
CA VAL A 378 -4.86 -2.64 2.39
C VAL A 378 -3.58 -2.70 3.22
N ASP A 379 -3.50 -3.67 4.12
CA ASP A 379 -2.23 -4.04 4.74
C ASP A 379 -1.45 -5.06 3.92
N LEU A 380 -2.00 -5.49 2.78
CA LEU A 380 -1.23 -6.27 1.81
C LEU A 380 0.02 -5.54 1.34
N TRP A 381 0.11 -4.23 1.60
CA TRP A 381 1.32 -3.46 1.37
C TRP A 381 2.29 -3.54 2.55
N SER A 382 1.99 -4.37 3.54
CA SER A 382 2.81 -4.50 4.74
C SER A 382 3.27 -5.94 4.92
N ALA A 383 4.43 -6.08 5.55
CA ALA A 383 4.99 -7.40 5.85
C ALA A 383 4.51 -7.87 7.22
N PRO A 384 4.07 -9.13 7.34
CA PRO A 384 3.61 -9.62 8.65
C PRO A 384 4.69 -9.64 9.72
N SER A 385 5.95 -9.49 9.35
CA SER A 385 7.04 -9.38 10.31
C SER A 385 7.63 -7.97 10.38
N SER A 386 7.15 -7.06 9.54
CA SER A 386 7.67 -5.68 9.56
C SER A 386 7.44 -5.06 10.92
N GLN A 387 8.38 -4.21 11.34
CA GLN A 387 8.25 -3.56 12.63
C GLN A 387 6.97 -2.73 12.71
N ALA A 388 6.53 -2.16 11.59
CA ALA A 388 5.28 -1.40 11.60
C ALA A 388 4.09 -2.29 11.93
N ARG A 389 4.03 -3.48 11.34
CA ARG A 389 2.88 -4.35 11.57
C ARG A 389 2.99 -5.08 12.89
N LEU A 390 4.20 -5.27 13.41
CA LEU A 390 4.32 -5.77 14.77
C LEU A 390 3.87 -4.70 15.78
N GLU A 391 4.20 -3.44 15.50
CA GLU A 391 3.71 -2.35 16.33
C GLU A 391 2.19 -2.26 16.27
N LYS A 392 1.60 -2.47 15.09
CA LYS A 392 0.14 -2.49 14.97
C LYS A 392 -0.45 -3.66 15.76
N GLU A 393 0.11 -4.85 15.56
CA GLU A 393 -0.34 -6.01 16.32
C GLU A 393 -0.20 -5.80 17.82
N TYR A 394 0.69 -4.90 18.26
CA TYR A 394 0.79 -4.61 19.68
C TYR A 394 -0.25 -3.60 20.12
N PHE A 395 -0.43 -2.53 19.36
CA PHE A 395 -1.43 -1.53 19.72
C PHE A 395 -2.83 -2.09 19.66
N ASP A 396 -3.04 -3.18 18.91
CA ASP A 396 -4.32 -3.87 18.94
C ASP A 396 -4.52 -4.68 20.22
N GLN A 397 -3.56 -4.66 21.15
CA GLN A 397 -3.73 -5.40 22.41
C GLN A 397 -4.58 -4.63 23.41
N HIS A 398 -4.51 -3.29 23.42
CA HIS A 398 -5.16 -2.54 24.48
C HIS A 398 -6.28 -1.64 23.96
N PHE A 399 -6.05 -0.88 22.90
CA PHE A 399 -7.13 -0.12 22.28
C PHE A 399 -7.74 -0.88 21.11
N GLY A 400 -7.29 -2.11 20.88
CA GLY A 400 -7.70 -2.86 19.72
C GLY A 400 -7.34 -2.10 18.46
N PRO A 401 -8.27 -2.01 17.54
CA PRO A 401 -8.00 -1.32 16.27
C PRO A 401 -8.14 0.18 16.41
N PHE A 402 -7.48 0.90 15.50
CA PHE A 402 -7.77 2.30 15.32
C PHE A 402 -9.13 2.45 14.63
N PHE A 403 -9.92 3.40 15.09
CA PHE A 403 -11.29 3.53 14.62
C PHE A 403 -11.36 4.00 13.17
N ARG A 404 -12.38 3.54 12.46
CA ARG A 404 -12.76 4.17 11.21
C ARG A 404 -13.13 5.62 11.47
N THR A 405 -12.89 6.47 10.48
CA THR A 405 -13.13 7.90 10.63
C THR A 405 -13.87 8.41 9.39
N GLU A 406 -15.07 8.94 9.62
CA GLU A 406 -15.84 9.61 8.59
C GLU A 406 -15.82 11.11 8.87
N GLN A 407 -15.45 11.90 7.87
CA GLN A 407 -15.19 13.31 8.10
C GLN A 407 -15.95 14.17 7.10
N LEU A 408 -16.07 15.45 7.44
CA LEU A 408 -16.70 16.44 6.58
C LEU A 408 -15.99 17.78 6.77
N ILE A 409 -15.47 18.34 5.68
CA ILE A 409 -15.02 19.72 5.62
C ILE A 409 -16.18 20.51 5.01
N ILE A 410 -16.99 21.13 5.87
CA ILE A 410 -18.19 21.84 5.47
C ILE A 410 -17.94 23.33 5.61
N ARG A 411 -18.19 24.09 4.55
CA ARG A 411 -17.83 25.51 4.50
C ARG A 411 -19.00 26.34 3.95
N ALA A 412 -19.04 27.61 4.36
CA ALA A 412 -20.12 28.51 4.00
C ALA A 412 -19.66 29.47 2.91
N PRO A 413 -20.11 29.31 1.67
CA PRO A 413 -19.63 30.19 0.59
C PRO A 413 -20.47 31.45 0.42
N LEU A 414 -21.74 31.40 0.81
CA LEU A 414 -22.69 32.47 0.51
C LEU A 414 -22.98 33.36 1.70
N THR A 415 -22.15 33.34 2.73
CA THR A 415 -22.35 34.15 3.94
C THR A 415 -21.05 34.87 4.28
N ASP A 416 -21.09 36.19 4.27
CA ASP A 416 -19.92 36.98 4.64
C ASP A 416 -19.67 36.85 6.15
N LYS A 417 -18.59 37.48 6.60
CA LYS A 417 -18.22 37.47 8.01
C LYS A 417 -19.26 38.24 8.82
N HIS A 418 -19.04 38.29 10.13
CA HIS A 418 -19.73 39.26 10.97
C HIS A 418 -18.82 39.59 12.15
N ILE A 419 -19.22 40.58 12.95
CA ILE A 419 -18.36 41.13 13.98
C ILE A 419 -19.05 41.04 15.34
N TYR A 420 -18.30 40.61 16.35
CA TYR A 420 -18.75 40.57 17.73
C TYR A 420 -18.05 41.69 18.50
N GLN A 421 -18.84 42.62 19.01
CA GLN A 421 -18.34 43.66 19.88
C GLN A 421 -18.71 43.31 21.31
N PRO A 422 -17.74 43.15 22.22
CA PRO A 422 -18.07 42.73 23.59
C PRO A 422 -18.85 43.81 24.32
N TYR A 423 -19.11 43.64 25.62
CA TYR A 423 -19.86 44.77 26.18
C TYR A 423 -18.96 45.68 27.01
N PRO A 424 -18.55 45.34 28.26
CA PRO A 424 -17.88 46.36 29.07
C PRO A 424 -16.44 46.55 28.62
N SER A 425 -15.74 45.43 28.42
CA SER A 425 -14.40 45.46 27.87
C SER A 425 -14.44 45.80 26.39
N GLY A 426 -13.28 46.20 25.86
CA GLY A 426 -13.18 46.57 24.47
C GLY A 426 -12.12 45.78 23.71
N ALA A 427 -12.56 44.86 22.87
CA ALA A 427 -11.66 44.04 22.06
C ALA A 427 -12.44 43.37 20.95
N ASP A 428 -12.78 44.13 19.90
CA ASP A 428 -13.62 43.62 18.82
C ASP A 428 -13.05 42.33 18.24
N VAL A 429 -13.93 41.40 17.89
CA VAL A 429 -13.46 40.17 17.25
C VAL A 429 -14.28 39.91 15.99
N PRO A 430 -13.67 39.38 14.93
CA PRO A 430 -14.45 38.96 13.76
C PRO A 430 -14.79 37.48 13.82
N PHE A 431 -15.74 37.06 12.97
CA PHE A 431 -16.16 35.68 12.87
C PHE A 431 -16.33 35.37 11.39
N GLY A 432 -15.69 34.28 10.95
CA GLY A 432 -15.63 33.96 9.56
C GLY A 432 -16.97 33.52 9.02
N PRO A 433 -17.00 33.21 7.73
CA PRO A 433 -18.26 32.83 7.07
C PRO A 433 -19.00 31.71 7.80
N PRO A 434 -18.36 30.56 8.07
CA PRO A 434 -19.14 29.44 8.63
C PRO A 434 -19.62 29.66 10.05
N LEU A 435 -19.11 30.66 10.75
CA LEU A 435 -19.45 30.86 12.17
C LEU A 435 -20.72 31.68 12.37
N ASP A 436 -21.41 32.05 11.29
CA ASP A 436 -22.71 32.69 11.44
C ASP A 436 -23.69 31.71 12.08
N ILE A 437 -24.61 32.25 12.88
CA ILE A 437 -25.44 31.41 13.73
C ILE A 437 -26.47 30.64 12.91
N GLN A 438 -27.17 31.34 12.02
CA GLN A 438 -28.17 30.68 11.17
C GLN A 438 -27.53 29.58 10.33
N ILE A 439 -26.23 29.65 10.08
CA ILE A 439 -25.52 28.53 9.44
C ILE A 439 -25.36 27.39 10.42
N LEU A 440 -24.84 27.67 11.63
CA LEU A 440 -24.64 26.63 12.63
C LEU A 440 -25.91 25.86 12.93
N HIS A 441 -27.07 26.51 12.76
CA HIS A 441 -28.34 25.78 12.85
C HIS A 441 -28.44 24.72 11.75
N GLN A 442 -28.12 25.10 10.52
CA GLN A 442 -28.18 24.15 9.41
C GLN A 442 -27.18 23.02 9.59
N VAL A 443 -25.98 23.36 10.09
CA VAL A 443 -24.99 22.34 10.41
C VAL A 443 -25.52 21.40 11.48
N LEU A 444 -26.31 21.92 12.42
CA LEU A 444 -26.87 21.06 13.46
C LEU A 444 -27.96 20.16 12.91
N ASP A 445 -28.80 20.68 12.00
CA ASP A 445 -29.83 19.83 11.40
C ASP A 445 -29.22 18.74 10.54
N LEU A 446 -28.17 19.09 9.77
CA LEU A 446 -27.47 18.09 8.97
C LEU A 446 -26.80 17.05 9.85
N GLN A 447 -26.09 17.52 10.89
CA GLN A 447 -25.37 16.59 11.76
C GLN A 447 -26.32 15.71 12.57
N ILE A 448 -27.53 16.20 12.84
CA ILE A 448 -28.54 15.36 13.47
C ILE A 448 -29.07 14.34 12.46
N ALA A 449 -29.28 14.76 11.21
CA ALA A 449 -29.72 13.84 10.17
C ALA A 449 -28.73 12.70 9.99
N ILE A 450 -27.43 13.03 9.91
CA ILE A 450 -26.40 12.01 9.81
C ILE A 450 -26.31 11.19 11.09
N GLU A 451 -26.53 11.84 12.24
CA GLU A 451 -26.44 11.18 13.54
C GLU A 451 -27.44 10.04 13.68
N ASN A 452 -28.37 9.90 12.74
CA ASN A 452 -29.29 8.76 12.72
C ASN A 452 -29.63 8.45 11.27
N ILE A 453 -28.89 7.52 10.68
CA ILE A 453 -29.13 7.01 9.34
C ILE A 453 -29.38 5.51 9.43
N THR A 454 -30.45 5.04 8.80
CA THR A 454 -30.80 3.63 8.83
C THR A 454 -30.07 2.89 7.71
N ALA A 455 -29.67 1.65 8.02
CA ALA A 455 -29.00 0.80 7.05
C ALA A 455 -29.36 -0.65 7.34
N SER A 456 -29.40 -1.46 6.28
CA SER A 456 -29.83 -2.85 6.37
C SER A 456 -28.64 -3.77 6.20
N TYR A 457 -28.35 -4.56 7.23
CA TYR A 457 -27.35 -5.62 7.16
C TYR A 457 -27.92 -6.88 7.79
N ASP A 458 -27.58 -8.04 7.21
CA ASP A 458 -28.11 -9.33 7.65
C ASP A 458 -29.64 -9.33 7.65
N ASN A 459 -30.23 -8.64 6.68
CA ASN A 459 -31.69 -8.48 6.59
C ASN A 459 -32.24 -7.88 7.88
N GLU A 460 -31.50 -6.92 8.45
CA GLU A 460 -31.90 -6.25 9.68
C GLU A 460 -31.78 -4.74 9.54
N THR A 461 -31.51 -4.04 10.65
CA THR A 461 -31.46 -2.59 10.66
C THR A 461 -30.29 -2.14 11.53
N VAL A 462 -29.54 -1.15 11.03
CA VAL A 462 -28.32 -0.66 11.69
C VAL A 462 -28.42 0.85 11.82
N THR A 463 -28.08 1.36 13.01
CA THR A 463 -28.06 2.79 13.29
C THR A 463 -26.67 3.21 13.72
N LEU A 464 -26.38 4.51 13.57
CA LEU A 464 -25.08 5.04 13.96
C LEU A 464 -24.75 4.68 15.40
N GLN A 465 -25.67 5.00 16.31
CA GLN A 465 -25.50 4.72 17.74
C GLN A 465 -25.00 3.30 18.02
N ASP A 466 -25.35 2.33 17.15
CA ASP A 466 -24.92 0.96 17.34
C ASP A 466 -23.41 0.82 17.22
N ILE A 467 -22.81 1.45 16.21
CA ILE A 467 -21.45 1.13 15.79
C ILE A 467 -20.42 2.20 16.18
N CYS A 468 -20.82 3.45 16.39
CA CYS A 468 -19.85 4.44 16.82
C CYS A 468 -19.48 4.24 18.27
N LEU A 469 -18.23 4.59 18.60
CA LEU A 469 -17.71 4.34 19.94
C LEU A 469 -18.26 5.38 20.90
N ALA A 470 -19.00 4.92 21.90
CA ALA A 470 -19.35 5.72 23.05
C ALA A 470 -18.34 5.40 24.15
N PRO A 471 -17.49 6.34 24.54
CA PRO A 471 -16.44 6.01 25.52
C PRO A 471 -17.00 5.53 26.86
N LEU A 472 -18.32 5.52 27.01
CA LEU A 472 -18.97 5.03 28.23
C LEU A 472 -20.13 4.15 27.78
N SER A 473 -19.93 2.83 27.83
CA SER A 473 -20.97 1.89 27.43
C SER A 473 -22.11 1.87 28.45
N PRO A 474 -21.83 1.90 29.77
CA PRO A 474 -22.88 2.28 30.72
C PRO A 474 -23.08 3.78 30.70
N TYR A 475 -23.75 4.34 31.70
CA TYR A 475 -24.00 5.79 31.76
C TYR A 475 -24.72 6.18 30.47
N ASN A 476 -24.25 7.19 29.74
CA ASN A 476 -24.84 7.60 28.48
C ASN A 476 -24.04 6.97 27.35
N THR A 477 -24.71 6.23 26.48
CA THR A 477 -24.12 5.65 25.29
C THR A 477 -24.05 6.63 24.14
N ASN A 478 -24.12 7.93 24.45
CA ASN A 478 -23.92 8.97 23.45
C ASN A 478 -22.63 8.72 22.67
N CYS A 479 -22.68 8.93 21.37
CA CYS A 479 -21.56 8.62 20.51
C CYS A 479 -20.62 9.80 20.35
N THR A 480 -19.33 9.48 20.25
CA THR A 480 -18.32 10.50 19.99
C THR A 480 -18.58 11.18 18.65
N ILE A 481 -18.53 12.51 18.66
CA ILE A 481 -18.85 13.28 17.47
C ILE A 481 -18.16 14.64 17.57
N LEU A 482 -17.12 14.82 16.77
CA LEU A 482 -16.24 15.98 16.88
C LEU A 482 -16.74 17.08 15.96
N SER A 483 -17.50 18.01 16.53
CA SER A 483 -17.91 19.24 15.84
C SER A 483 -17.77 20.40 16.81
N VAL A 484 -17.72 21.61 16.25
CA VAL A 484 -17.79 22.81 17.09
C VAL A 484 -19.12 22.82 17.84
N LEU A 485 -20.16 22.22 17.26
CA LEU A 485 -21.49 22.20 17.85
C LEU A 485 -21.55 21.40 19.15
N ASN A 486 -20.60 20.50 19.39
CA ASN A 486 -20.58 19.82 20.68
C ASN A 486 -20.19 20.77 21.80
N TYR A 487 -19.62 21.93 21.48
CA TYR A 487 -19.53 23.00 22.48
C TYR A 487 -20.92 23.36 22.99
N PHE A 488 -21.88 23.47 22.07
CA PHE A 488 -23.28 23.72 22.41
C PHE A 488 -24.09 22.43 22.48
N GLN A 489 -23.45 21.33 22.88
CA GLN A 489 -24.12 20.07 23.20
C GLN A 489 -25.14 19.65 22.14
N ASN A 490 -24.90 20.06 20.89
CA ASN A 490 -25.72 19.70 19.73
C ASN A 490 -27.19 20.10 19.88
N SER A 491 -27.49 21.07 20.75
CA SER A 491 -28.86 21.52 20.96
C SER A 491 -28.98 22.99 20.60
N HIS A 492 -30.08 23.34 19.94
CA HIS A 492 -30.31 24.72 19.54
C HIS A 492 -30.59 25.62 20.73
N SER A 493 -31.07 25.08 21.84
CA SER A 493 -31.34 25.90 23.02
C SER A 493 -30.06 26.52 23.56
N VAL A 494 -29.05 25.70 23.85
CA VAL A 494 -27.79 26.20 24.37
C VAL A 494 -27.07 27.05 23.33
N LEU A 495 -27.33 26.81 22.05
CA LEU A 495 -26.75 27.65 21.01
C LEU A 495 -27.35 29.05 21.05
N ASP A 496 -28.68 29.15 21.03
CA ASP A 496 -29.37 30.43 21.07
C ASP A 496 -29.45 31.02 22.47
N HIS A 497 -28.71 30.47 23.43
CA HIS A 497 -28.62 31.08 24.75
C HIS A 497 -28.12 32.51 24.65
N LYS A 498 -28.69 33.39 25.48
CA LYS A 498 -28.27 34.78 25.54
C LYS A 498 -28.50 35.28 26.95
N LYS A 499 -27.49 35.95 27.51
CA LYS A 499 -27.56 36.49 28.86
C LYS A 499 -27.49 38.01 28.78
N GLY A 500 -28.52 38.67 29.26
CA GLY A 500 -28.61 40.11 29.20
C GLY A 500 -30.02 40.53 28.81
N ASP A 501 -30.31 41.81 29.04
CA ASP A 501 -31.62 42.34 28.64
C ASP A 501 -31.76 42.27 27.12
N ASP A 502 -32.96 42.64 26.65
CA ASP A 502 -33.24 42.53 25.22
C ASP A 502 -32.31 43.40 24.40
N PHE A 503 -31.78 44.47 24.99
CA PHE A 503 -31.03 45.45 24.21
C PHE A 503 -29.56 45.08 24.09
N PHE A 504 -28.86 44.97 25.22
CA PHE A 504 -27.46 44.59 25.19
C PHE A 504 -27.33 43.06 25.20
N VAL A 505 -26.09 42.60 25.04
CA VAL A 505 -25.80 41.17 25.10
C VAL A 505 -24.54 40.95 25.94
N TYR A 506 -24.73 40.62 27.22
CA TYR A 506 -23.59 40.43 28.11
C TYR A 506 -22.71 39.27 27.65
N ALA A 507 -23.33 38.18 27.21
CA ALA A 507 -22.62 36.97 26.81
C ALA A 507 -23.46 36.00 25.97
N ASP A 508 -23.31 36.06 24.66
CA ASP A 508 -24.04 35.13 23.79
C ASP A 508 -23.17 33.95 23.43
N TYR A 509 -23.44 33.33 22.27
CA TYR A 509 -22.69 32.15 21.89
C TYR A 509 -21.27 32.49 21.46
N HIS A 510 -21.03 33.72 20.99
CA HIS A 510 -19.67 34.13 20.67
C HIS A 510 -18.76 34.00 21.88
N THR A 511 -19.25 34.39 23.06
CA THR A 511 -18.43 34.34 24.26
C THR A 511 -18.21 32.92 24.73
N HIS A 512 -19.24 32.08 24.63
CA HIS A 512 -19.10 30.68 25.01
C HIS A 512 -18.10 29.97 24.09
N PHE A 513 -18.25 30.16 22.78
CA PHE A 513 -17.29 29.63 21.82
C PHE A 513 -15.88 30.08 22.15
N LEU A 514 -15.68 31.39 22.28
CA LEU A 514 -14.37 31.94 22.61
C LEU A 514 -13.83 31.38 23.93
N TYR A 515 -14.70 30.92 24.83
CA TYR A 515 -14.21 30.32 26.07
C TYR A 515 -13.82 28.86 25.88
N CYS A 516 -14.62 28.10 25.12
CA CYS A 516 -14.36 26.68 25.00
C CYS A 516 -13.10 26.41 24.19
N VAL A 517 -12.93 27.09 23.07
CA VAL A 517 -11.75 26.90 22.23
C VAL A 517 -10.45 27.21 22.98
N ARG A 518 -10.53 27.84 24.16
CA ARG A 518 -9.38 28.10 25.00
C ARG A 518 -9.28 27.14 26.18
N ALA A 519 -10.39 26.52 26.57
CA ALA A 519 -10.39 25.53 27.64
C ALA A 519 -11.53 24.53 27.43
N PRO A 520 -11.42 23.61 26.47
CA PRO A 520 -12.57 22.77 26.10
C PRO A 520 -12.82 21.57 26.99
N ALA A 521 -12.13 21.48 28.13
CA ALA A 521 -12.28 20.37 29.05
C ALA A 521 -13.02 20.78 30.32
N SER A 522 -13.79 21.86 30.26
CA SER A 522 -14.53 22.36 31.42
C SER A 522 -16.02 22.11 31.24
N LEU A 523 -16.69 21.87 32.36
CA LEU A 523 -18.13 21.65 32.38
C LEU A 523 -18.92 22.89 32.77
N ASN A 524 -18.25 24.04 32.91
CA ASN A 524 -18.92 25.22 33.44
C ASN A 524 -18.24 26.47 32.89
N ASP A 525 -18.91 27.14 31.94
CA ASP A 525 -18.45 28.42 31.43
C ASP A 525 -18.41 29.44 32.56
N THR A 526 -17.49 30.40 32.44
CA THR A 526 -17.34 31.47 33.41
C THR A 526 -18.01 32.77 32.98
N SER A 527 -18.47 32.86 31.73
CA SER A 527 -19.11 34.09 31.24
C SER A 527 -20.54 34.20 31.77
N LEU A 528 -21.41 33.30 31.32
CA LEU A 528 -22.79 33.27 31.81
C LEU A 528 -22.81 32.83 33.27
N LEU A 529 -24.00 32.55 33.77
CA LEU A 529 -24.11 31.78 35.01
C LEU A 529 -23.41 30.44 34.86
N HIS A 530 -23.50 29.84 33.68
CA HIS A 530 -23.03 28.49 33.46
C HIS A 530 -23.17 28.15 31.97
N ASP A 531 -22.59 27.01 31.61
CA ASP A 531 -22.84 26.14 30.45
C ASP A 531 -21.75 25.08 30.52
N PRO A 532 -21.68 24.14 29.61
CA PRO A 532 -20.50 23.27 29.61
C PRO A 532 -19.74 23.26 28.29
N CYS A 533 -18.40 23.32 28.35
CA CYS A 533 -17.59 23.23 27.15
C CYS A 533 -17.40 21.80 26.67
N LEU A 534 -17.73 20.81 27.50
CA LEU A 534 -17.80 19.42 27.04
C LEU A 534 -18.97 19.31 26.05
N GLY A 535 -19.29 18.09 25.63
CA GLY A 535 -20.38 17.90 24.69
C GLY A 535 -21.15 16.64 24.99
N THR A 536 -22.17 16.39 24.16
CA THR A 536 -22.62 15.02 23.95
C THR A 536 -21.39 14.13 23.87
N PHE A 537 -21.20 13.30 24.88
CA PHE A 537 -19.83 13.11 25.33
C PHE A 537 -18.94 12.41 24.31
N GLY A 538 -18.55 13.15 23.28
CA GLY A 538 -17.43 12.77 22.43
C GLY A 538 -16.16 13.38 22.94
N GLY A 539 -15.97 13.38 24.25
CA GLY A 539 -14.80 13.94 24.88
C GLY A 539 -14.74 15.44 24.79
N PRO A 540 -13.68 16.04 25.33
CA PRO A 540 -13.45 17.48 25.14
C PRO A 540 -13.07 17.77 23.70
N VAL A 541 -13.91 18.54 23.02
CA VAL A 541 -13.73 18.82 21.59
C VAL A 541 -12.61 19.85 21.45
N PHE A 542 -11.39 19.36 21.20
CA PHE A 542 -10.28 20.25 20.92
C PHE A 542 -10.59 21.09 19.68
N PRO A 543 -10.16 22.35 19.63
CA PRO A 543 -10.61 23.25 18.56
C PRO A 543 -9.97 22.99 17.19
N TRP A 544 -8.84 22.28 17.13
CA TRP A 544 -8.14 22.10 15.85
C TRP A 544 -8.75 21.01 14.99
N LEU A 545 -9.53 20.10 15.57
CA LEU A 545 -10.14 19.01 14.85
C LEU A 545 -11.52 19.34 14.31
N VAL A 546 -11.95 20.59 14.45
CA VAL A 546 -13.31 20.99 14.07
C VAL A 546 -13.28 22.30 13.31
N LEU A 547 -12.18 23.04 13.43
CA LEU A 547 -12.00 24.32 12.78
C LEU A 547 -10.97 24.21 11.66
N GLY A 548 -11.14 25.03 10.64
CA GLY A 548 -10.23 25.01 9.50
C GLY A 548 -10.08 26.38 8.88
N GLY A 549 -8.88 26.64 8.36
CA GLY A 549 -8.60 27.90 7.70
C GLY A 549 -8.32 29.06 8.61
N TYR A 550 -8.47 28.89 9.93
CA TYR A 550 -8.13 29.95 10.85
C TYR A 550 -6.64 30.26 10.78
N ASP A 551 -6.29 31.52 10.98
CA ASP A 551 -4.89 31.93 10.96
C ASP A 551 -4.35 31.83 12.38
N ASP A 552 -3.39 30.93 12.58
CA ASP A 552 -2.57 30.87 13.79
C ASP A 552 -3.44 30.52 15.00
N GLN A 553 -3.41 31.32 16.06
CA GLN A 553 -4.10 30.99 17.31
C GLN A 553 -5.52 31.54 17.39
N ASN A 554 -5.82 32.62 16.67
CA ASN A 554 -7.17 33.14 16.71
C ASN A 554 -8.11 32.27 15.88
N TYR A 555 -8.78 31.34 16.55
CA TYR A 555 -9.67 30.42 15.85
C TYR A 555 -10.86 31.14 15.24
N ASN A 556 -11.26 32.28 15.82
CA ASN A 556 -12.47 32.98 15.38
C ASN A 556 -12.43 33.33 13.90
N ASN A 557 -11.24 33.44 13.32
CA ASN A 557 -11.09 33.69 11.90
C ASN A 557 -11.26 32.43 11.05
N ALA A 558 -11.88 31.39 11.59
CA ALA A 558 -12.04 30.14 10.86
C ALA A 558 -12.82 30.36 9.56
N THR A 559 -12.57 29.48 8.59
CA THR A 559 -13.25 29.54 7.30
C THR A 559 -13.96 28.25 6.93
N ALA A 560 -13.83 27.19 7.73
CA ALA A 560 -14.50 25.93 7.47
C ALA A 560 -14.62 25.14 8.76
N LEU A 561 -15.69 24.35 8.84
CA LEU A 561 -15.94 23.49 9.99
C LEU A 561 -15.61 22.05 9.62
N VAL A 562 -14.93 21.35 10.54
CA VAL A 562 -14.62 19.94 10.38
C VAL A 562 -15.51 19.16 11.33
N ILE A 563 -16.15 18.11 10.80
CA ILE A 563 -17.02 17.25 11.58
C ILE A 563 -16.51 15.82 11.44
N THR A 564 -16.23 15.17 12.57
CA THR A 564 -15.60 13.86 12.58
C THR A 564 -16.47 12.89 13.36
N PHE A 565 -16.98 11.87 12.68
CA PHE A 565 -17.64 10.75 13.31
C PHE A 565 -16.66 9.58 13.37
N PRO A 566 -16.17 9.22 14.54
CA PRO A 566 -15.37 7.99 14.65
C PRO A 566 -16.25 6.78 14.91
N VAL A 567 -15.99 5.68 14.18
CA VAL A 567 -16.75 4.45 14.29
C VAL A 567 -15.80 3.32 14.62
N ASN A 568 -16.26 2.34 15.40
CA ASN A 568 -15.41 1.22 15.77
C ASN A 568 -15.00 0.44 14.52
N ASN A 569 -13.98 -0.41 14.69
CA ASN A 569 -13.37 -1.11 13.55
C ASN A 569 -13.17 -2.61 13.75
N TYR A 570 -12.66 -3.05 14.90
CA TYR A 570 -12.40 -4.46 15.28
C TYR A 570 -12.14 -5.42 14.13
N TYR A 571 -11.11 -5.12 13.33
CA TYR A 571 -10.67 -6.00 12.24
C TYR A 571 -10.73 -7.49 12.60
N ASN A 572 -10.63 -7.81 13.89
CA ASN A 572 -10.65 -9.20 14.37
C ASN A 572 -11.99 -9.88 14.13
N ASP A 573 -12.96 -9.15 13.57
CA ASP A 573 -14.30 -9.68 13.32
C ASP A 573 -14.75 -9.31 11.91
N THR A 574 -15.49 -10.23 11.29
CA THR A 574 -16.13 -9.97 10.01
C THR A 574 -17.62 -9.67 10.14
N GLU A 575 -18.24 -10.11 11.23
CA GLU A 575 -19.68 -9.91 11.42
C GLU A 575 -20.04 -8.42 11.35
N LYS A 576 -19.57 -7.64 12.32
CA LYS A 576 -20.03 -6.27 12.51
C LYS A 576 -19.27 -5.25 11.68
N LEU A 577 -18.01 -5.54 11.32
CA LEU A 577 -17.29 -4.65 10.42
C LEU A 577 -18.07 -4.46 9.12
N GLN A 578 -18.69 -5.53 8.62
CA GLN A 578 -19.43 -5.44 7.38
C GLN A 578 -20.66 -4.56 7.52
N ARG A 579 -21.39 -4.68 8.64
CA ARG A 579 -22.53 -3.81 8.85
C ARG A 579 -22.09 -2.36 9.00
N ALA A 580 -20.89 -2.13 9.54
CA ALA A 580 -20.32 -0.78 9.51
C ALA A 580 -20.13 -0.31 8.08
N GLN A 581 -19.56 -1.18 7.22
CA GLN A 581 -19.39 -0.82 5.82
C GLN A 581 -20.72 -0.52 5.13
N ALA A 582 -21.79 -1.20 5.55
CA ALA A 582 -23.10 -0.92 4.97
C ALA A 582 -23.64 0.43 5.44
N TRP A 583 -23.47 0.73 6.74
CA TRP A 583 -23.88 2.05 7.23
C TRP A 583 -23.15 3.16 6.47
N GLU A 584 -21.83 2.99 6.25
CA GLU A 584 -21.11 3.96 5.45
C GLU A 584 -21.61 3.99 4.01
N LYS A 585 -22.06 2.85 3.50
CA LYS A 585 -22.56 2.79 2.13
C LYS A 585 -23.84 3.61 1.97
N GLU A 586 -24.70 3.62 2.99
CA GLU A 586 -25.86 4.50 2.93
C GLU A 586 -25.47 5.95 3.22
N PHE A 587 -24.50 6.13 4.11
CA PHE A 587 -23.99 7.44 4.48
C PHE A 587 -23.54 8.23 3.26
N ILE A 588 -22.64 7.65 2.46
CA ILE A 588 -22.07 8.37 1.31
C ILE A 588 -23.17 8.79 0.34
N ASN A 589 -24.08 7.87 0.02
CA ASN A 589 -25.18 8.20 -0.88
C ASN A 589 -26.03 9.32 -0.30
N PHE A 590 -26.19 9.35 1.02
CA PHE A 590 -26.97 10.41 1.64
C PHE A 590 -26.28 11.77 1.49
N VAL A 591 -24.98 11.83 1.82
CA VAL A 591 -24.26 13.10 1.77
C VAL A 591 -24.17 13.62 0.34
N LYS A 592 -23.92 12.72 -0.62
CA LYS A 592 -23.87 13.13 -2.02
C LYS A 592 -25.21 13.69 -2.49
N ASN A 593 -26.30 12.99 -2.18
CA ASN A 593 -27.65 13.44 -2.52
C ASN A 593 -28.21 14.31 -1.40
N TYR A 594 -27.53 15.41 -1.13
CA TYR A 594 -27.92 16.35 -0.08
C TYR A 594 -27.76 17.77 -0.63
N LYS A 595 -28.88 18.45 -0.85
CA LYS A 595 -28.86 19.81 -1.38
C LYS A 595 -28.94 20.82 -0.25
N ASN A 596 -27.98 21.74 -0.22
CA ASN A 596 -27.97 22.85 0.72
C ASN A 596 -27.12 23.97 0.14
N PRO A 597 -27.71 24.83 -0.69
CA PRO A 597 -26.90 25.85 -1.39
C PRO A 597 -26.21 26.82 -0.45
N ASN A 598 -26.60 26.88 0.83
CA ASN A 598 -25.87 27.70 1.78
C ASN A 598 -24.49 27.12 2.09
N LEU A 599 -24.26 25.85 1.78
CA LEU A 599 -23.05 25.14 2.20
C LEU A 599 -22.42 24.39 1.03
N THR A 600 -21.10 24.32 1.04
CA THR A 600 -20.35 23.41 0.18
C THR A 600 -19.62 22.42 1.06
N ILE A 601 -19.71 21.14 0.73
CA ILE A 601 -19.28 20.07 1.61
C ILE A 601 -18.18 19.24 0.95
N SER A 602 -17.32 18.69 1.81
CA SER A 602 -16.43 17.59 1.47
C SER A 602 -16.55 16.56 2.59
N PHE A 603 -16.17 15.32 2.29
CA PHE A 603 -16.46 14.24 3.22
C PHE A 603 -15.62 13.03 2.87
N THR A 604 -15.68 12.02 3.77
CA THR A 604 -14.91 10.80 3.63
C THR A 604 -15.40 9.70 4.56
N ALA A 605 -15.62 8.51 4.01
CA ALA A 605 -15.76 7.29 4.78
C ALA A 605 -14.48 6.49 4.66
N GLU A 606 -14.15 5.73 5.70
CA GLU A 606 -12.90 4.97 5.67
C GLU A 606 -12.94 3.81 4.68
N ARG A 607 -14.04 3.65 3.93
CA ARG A 607 -14.09 2.71 2.82
C ARG A 607 -14.03 3.42 1.46
N SER A 608 -14.14 4.75 1.44
CA SER A 608 -14.21 5.48 0.18
C SER A 608 -13.00 5.21 -0.71
N ILE A 609 -11.83 5.03 -0.11
CA ILE A 609 -10.63 4.76 -0.89
C ILE A 609 -10.71 3.36 -1.51
N GLU A 610 -10.87 2.34 -0.66
CA GLU A 610 -11.05 0.95 -1.10
C GLU A 610 -12.35 0.73 -1.87
N ASP A 611 -13.09 1.80 -2.15
CA ASP A 611 -14.31 1.74 -2.95
C ASP A 611 -14.11 2.39 -4.32
N GLU A 612 -13.78 3.68 -4.35
CA GLU A 612 -13.52 4.34 -5.62
C GLU A 612 -12.31 3.75 -6.33
N LEU A 613 -11.36 3.18 -5.57
CA LEU A 613 -10.24 2.48 -6.19
C LEU A 613 -10.74 1.27 -6.98
N ASN A 614 -11.60 0.45 -6.35
CA ASN A 614 -12.23 -0.65 -7.06
C ASN A 614 -13.05 -0.15 -8.24
N ARG A 615 -13.63 1.05 -8.13
CA ARG A 615 -14.34 1.63 -9.26
C ARG A 615 -13.40 1.92 -10.43
N GLU A 616 -12.21 2.45 -10.13
CA GLU A 616 -11.25 2.74 -11.19
C GLU A 616 -10.64 1.45 -11.75
N SER A 617 -10.60 0.39 -10.96
CA SER A 617 -10.02 -0.88 -11.40
C SER A 617 -10.94 -1.61 -12.37
N ASP A 618 -11.90 -0.88 -12.97
CA ASP A 618 -12.77 -1.42 -14.00
C ASP A 618 -12.68 -0.70 -15.33
N SER A 619 -12.23 0.55 -15.34
CA SER A 619 -12.20 1.35 -16.56
C SER A 619 -11.25 0.79 -17.61
N ASP A 620 -10.29 -0.03 -17.20
CA ASP A 620 -9.28 -0.54 -18.12
C ASP A 620 -9.54 -1.95 -18.60
N VAL A 621 -10.41 -2.71 -17.92
CA VAL A 621 -10.54 -4.14 -18.17
C VAL A 621 -10.82 -4.41 -19.65
N PHE A 622 -11.76 -3.65 -20.23
CA PHE A 622 -12.08 -3.82 -21.63
C PHE A 622 -10.85 -3.60 -22.52
N THR A 623 -10.05 -2.57 -22.21
CA THR A 623 -8.85 -2.30 -22.99
C THR A 623 -7.83 -3.41 -22.84
N VAL A 624 -7.73 -4.00 -21.65
CA VAL A 624 -6.81 -5.12 -21.43
C VAL A 624 -7.24 -6.32 -22.27
N VAL A 625 -8.54 -6.63 -22.24
CA VAL A 625 -9.04 -7.79 -22.98
C VAL A 625 -8.86 -7.60 -24.47
N ILE A 626 -9.17 -6.42 -25.00
CA ILE A 626 -8.97 -6.21 -26.43
C ILE A 626 -7.48 -6.21 -26.78
N SER A 627 -6.63 -5.78 -25.85
CA SER A 627 -5.18 -5.93 -26.03
C SER A 627 -4.81 -7.39 -26.22
N TYR A 628 -5.29 -8.26 -25.31
CA TYR A 628 -5.03 -9.68 -25.45
C TYR A 628 -5.64 -10.25 -26.73
N ALA A 629 -6.70 -9.64 -27.24
CA ALA A 629 -7.27 -10.09 -28.50
C ALA A 629 -6.35 -9.76 -29.66
N ILE A 630 -5.69 -8.60 -29.60
CA ILE A 630 -4.73 -8.25 -30.65
C ILE A 630 -3.51 -9.15 -30.58
N MET A 631 -2.97 -9.37 -29.37
CA MET A 631 -1.83 -10.27 -29.22
C MET A 631 -2.17 -11.67 -29.71
N PHE A 632 -3.29 -12.22 -29.24
CA PHE A 632 -3.72 -13.55 -29.67
C PHE A 632 -3.87 -13.60 -31.19
N LEU A 633 -4.51 -12.59 -31.77
CA LEU A 633 -4.74 -12.57 -33.21
C LEU A 633 -3.42 -12.58 -33.98
N TYR A 634 -2.49 -11.70 -33.58
CA TYR A 634 -1.18 -11.71 -34.23
C TYR A 634 -0.50 -13.06 -34.11
N ILE A 635 -0.57 -13.68 -32.92
CA ILE A 635 0.03 -15.00 -32.74
C ILE A 635 -0.57 -16.00 -33.71
N SER A 636 -1.89 -15.94 -33.89
CA SER A 636 -2.54 -16.84 -34.85
C SER A 636 -2.05 -16.59 -36.27
N LEU A 637 -1.90 -15.32 -36.65
CA LEU A 637 -1.55 -14.98 -38.02
C LEU A 637 -0.07 -15.26 -38.31
N ALA A 638 0.83 -14.59 -37.58
CA ALA A 638 2.26 -14.66 -37.86
C ALA A 638 2.80 -16.02 -37.42
N LEU A 639 2.56 -17.03 -38.26
CA LEU A 639 3.11 -18.36 -38.04
C LEU A 639 3.09 -19.10 -39.37
N GLY A 640 4.26 -19.51 -39.84
CA GLY A 640 4.35 -20.18 -41.13
C GLY A 640 4.34 -19.21 -42.29
N HIS A 641 4.39 -19.78 -43.48
CA HIS A 641 4.46 -18.99 -44.71
C HIS A 641 3.06 -18.71 -45.24
N VAL A 650 -4.23 -21.85 -47.42
CA VAL A 650 -4.82 -21.94 -46.10
C VAL A 650 -4.16 -23.06 -45.31
N ASP A 651 -2.83 -23.04 -45.26
CA ASP A 651 -2.05 -23.92 -44.41
C ASP A 651 -1.38 -23.16 -43.27
N SER A 652 -2.00 -22.05 -42.87
CA SER A 652 -1.47 -21.26 -41.77
C SER A 652 -1.58 -22.03 -40.46
N LYS A 653 -0.56 -21.90 -39.62
CA LYS A 653 -0.55 -22.56 -38.32
C LYS A 653 -1.45 -21.81 -37.33
N VAL A 654 -2.67 -21.47 -37.77
CA VAL A 654 -3.63 -20.80 -36.89
C VAL A 654 -3.97 -21.69 -35.70
N SER A 655 -4.39 -22.93 -35.97
CA SER A 655 -4.68 -23.88 -34.90
C SER A 655 -3.49 -24.07 -33.98
N LEU A 656 -2.28 -24.03 -34.53
CA LEU A 656 -1.08 -24.16 -33.70
C LEU A 656 -0.91 -22.96 -32.77
N GLY A 657 -1.10 -21.75 -33.29
CA GLY A 657 -0.99 -20.58 -32.46
C GLY A 657 -2.03 -20.55 -31.35
N ILE A 658 -3.30 -20.83 -31.71
CA ILE A 658 -4.36 -20.92 -30.72
C ILE A 658 -4.00 -21.97 -29.67
N ALA A 659 -3.49 -23.12 -30.11
CA ALA A 659 -3.14 -24.18 -29.16
C ALA A 659 -2.05 -23.72 -28.20
N GLY A 660 -0.97 -23.13 -28.72
CA GLY A 660 0.09 -22.64 -27.85
C GLY A 660 -0.41 -21.59 -26.87
N ILE A 661 -1.33 -20.73 -27.32
CA ILE A 661 -2.00 -19.79 -26.42
C ILE A 661 -2.67 -20.54 -25.29
N LEU A 662 -3.51 -21.53 -25.62
CA LEU A 662 -4.23 -22.28 -24.61
C LEU A 662 -3.28 -23.01 -23.67
N ILE A 663 -2.08 -23.35 -24.14
CA ILE A 663 -1.08 -23.96 -23.28
C ILE A 663 -0.51 -22.93 -22.31
N VAL A 664 -0.31 -21.69 -22.79
CA VAL A 664 0.17 -20.63 -21.91
C VAL A 664 -0.85 -20.32 -20.83
N LEU A 665 -2.10 -20.04 -21.23
CA LEU A 665 -3.17 -19.85 -20.26
C LEU A 665 -3.28 -21.03 -19.32
N SER A 666 -3.12 -22.24 -19.85
CA SER A 666 -3.09 -23.43 -19.01
C SER A 666 -1.99 -23.36 -17.97
N SER A 667 -0.83 -22.79 -18.34
CA SER A 667 0.26 -22.65 -17.38
C SER A 667 -0.10 -21.67 -16.27
N VAL A 668 -0.71 -20.55 -16.64
CA VAL A 668 -1.14 -19.58 -15.63
C VAL A 668 -2.13 -20.22 -14.67
N ALA A 669 -3.17 -20.87 -15.21
CA ALA A 669 -4.16 -21.51 -14.37
C ALA A 669 -3.57 -22.60 -13.49
N CYS A 670 -2.54 -23.30 -13.99
CA CYS A 670 -1.88 -24.32 -13.18
C CYS A 670 -1.15 -23.71 -12.00
N SER A 671 -0.33 -22.68 -12.27
CA SER A 671 0.41 -22.04 -11.18
C SER A 671 -0.52 -21.47 -10.12
N LEU A 672 -1.45 -20.61 -10.54
CA LEU A 672 -2.46 -20.10 -9.62
C LEU A 672 -3.20 -21.24 -8.92
N GLY A 673 -3.33 -22.38 -9.58
CA GLY A 673 -4.00 -23.54 -9.01
C GLY A 673 -3.25 -24.14 -7.83
N VAL A 674 -2.03 -24.60 -8.05
CA VAL A 674 -1.29 -25.24 -6.97
C VAL A 674 -0.99 -24.25 -5.85
N PHE A 675 -0.67 -23.00 -6.21
CA PHE A 675 -0.37 -22.05 -5.14
C PHE A 675 -1.62 -21.67 -4.36
N SER A 676 -2.76 -21.55 -5.04
CA SER A 676 -4.01 -21.41 -4.31
C SER A 676 -4.21 -22.58 -3.35
N TYR A 677 -4.24 -23.82 -3.88
CA TYR A 677 -4.21 -25.05 -3.08
C TYR A 677 -3.41 -24.92 -1.80
N ILE A 678 -2.15 -24.48 -1.90
CA ILE A 678 -1.34 -24.31 -0.69
C ILE A 678 -1.92 -23.21 0.19
N GLY A 679 -2.39 -22.13 -0.44
CA GLY A 679 -2.93 -21.01 0.32
C GLY A 679 -2.16 -19.73 0.06
N LEU A 680 -2.24 -19.22 -1.16
CA LEU A 680 -1.54 -17.99 -1.52
C LEU A 680 -2.55 -16.93 -1.91
N PRO A 681 -2.68 -15.86 -1.13
CA PRO A 681 -3.60 -14.77 -1.50
C PRO A 681 -3.27 -14.23 -2.88
N LEU A 682 -4.24 -14.37 -3.78
CA LEU A 682 -4.07 -14.03 -5.19
C LEU A 682 -4.36 -12.54 -5.38
N THR A 683 -3.33 -11.72 -5.24
CA THR A 683 -3.47 -10.28 -5.36
C THR A 683 -3.82 -9.88 -6.79
N LEU A 684 -4.10 -8.60 -6.98
CA LEU A 684 -4.55 -8.09 -8.28
C LEU A 684 -3.39 -7.76 -9.22
N ILE A 685 -2.36 -7.09 -8.71
CA ILE A 685 -1.17 -6.82 -9.50
C ILE A 685 -0.61 -8.11 -10.11
N VAL A 686 -0.68 -9.20 -9.35
CA VAL A 686 -0.33 -10.51 -9.87
C VAL A 686 -1.20 -10.88 -11.07
N ILE A 687 -2.48 -10.51 -11.04
CA ILE A 687 -3.36 -10.79 -12.17
C ILE A 687 -2.99 -9.92 -13.36
N GLU A 688 -2.41 -8.75 -13.13
CA GLU A 688 -1.99 -7.95 -14.27
C GLU A 688 -0.68 -8.44 -14.86
N VAL A 689 0.25 -8.88 -14.02
CA VAL A 689 1.60 -9.20 -14.46
C VAL A 689 1.73 -10.62 -14.98
N ILE A 690 1.22 -11.60 -14.24
CA ILE A 690 1.46 -13.01 -14.54
C ILE A 690 1.05 -13.38 -15.96
N PRO A 691 -0.20 -13.17 -16.39
CA PRO A 691 -0.57 -13.61 -17.75
C PRO A 691 0.23 -12.92 -18.84
N PHE A 692 0.57 -11.64 -18.63
CA PHE A 692 1.42 -10.94 -19.57
C PHE A 692 2.79 -11.59 -19.67
N LEU A 693 3.40 -11.88 -18.52
CA LEU A 693 4.70 -12.53 -18.49
C LEU A 693 4.68 -13.87 -19.20
N VAL A 694 3.87 -14.81 -18.67
CA VAL A 694 3.83 -16.16 -19.23
C VAL A 694 3.44 -16.12 -20.71
N LEU A 695 2.60 -15.17 -21.09
CA LEU A 695 2.23 -15.05 -22.51
C LEU A 695 3.43 -14.64 -23.35
N ALA A 696 4.16 -13.63 -22.91
CA ALA A 696 5.33 -13.18 -23.66
C ALA A 696 6.35 -14.29 -23.81
N VAL A 697 6.84 -14.81 -22.68
CA VAL A 697 7.91 -15.80 -22.71
C VAL A 697 7.47 -17.06 -23.43
N GLY A 698 6.30 -17.60 -23.05
CA GLY A 698 5.79 -18.80 -23.71
C GLY A 698 5.64 -18.62 -25.21
N VAL A 699 5.10 -17.48 -25.64
CA VAL A 699 5.01 -17.20 -27.07
C VAL A 699 6.39 -17.23 -27.70
N ASP A 700 7.38 -16.63 -27.03
CA ASP A 700 8.73 -16.65 -27.57
C ASP A 700 9.21 -18.08 -27.80
N ASN A 701 9.05 -18.95 -26.80
CA ASN A 701 9.40 -20.36 -26.97
C ASN A 701 8.69 -20.98 -28.17
N ILE A 702 7.39 -20.69 -28.30
CA ILE A 702 6.62 -21.18 -29.45
C ILE A 702 7.29 -20.78 -30.76
N PHE A 703 7.75 -19.53 -30.86
CA PHE A 703 8.33 -19.07 -32.11
C PHE A 703 9.71 -19.65 -32.36
N ILE A 704 10.53 -19.78 -31.31
CA ILE A 704 11.81 -20.45 -31.45
C ILE A 704 11.61 -21.84 -32.05
N LEU A 705 10.70 -22.62 -31.48
CA LEU A 705 10.49 -23.98 -31.96
C LEU A 705 9.92 -23.99 -33.37
N VAL A 706 8.74 -23.39 -33.56
CA VAL A 706 8.04 -23.49 -34.84
C VAL A 706 8.90 -22.95 -35.97
N GLN A 707 9.42 -21.73 -35.80
CA GLN A 707 10.28 -21.14 -36.83
C GLN A 707 11.53 -21.99 -37.04
N ALA A 708 12.10 -22.52 -35.95
CA ALA A 708 13.26 -23.38 -36.07
C ALA A 708 13.00 -24.56 -36.99
N TYR A 709 11.82 -25.18 -36.87
CA TYR A 709 11.46 -26.24 -37.80
C TYR A 709 11.22 -25.69 -39.21
N GLN A 710 10.65 -24.48 -39.31
CA GLN A 710 10.33 -23.92 -40.61
C GLN A 710 11.59 -23.70 -41.46
N ARG A 711 12.65 -23.16 -40.85
CA ARG A 711 13.88 -22.93 -41.58
C ARG A 711 14.67 -24.21 -41.82
N ASP A 712 14.49 -25.21 -40.96
CA ASP A 712 15.06 -26.52 -41.21
C ASP A 712 14.30 -27.22 -42.33
N GLU A 713 15.04 -27.97 -43.15
CA GLU A 713 14.43 -28.84 -44.15
C GLU A 713 14.94 -30.26 -43.94
N ARG A 714 14.02 -31.22 -43.97
CA ARG A 714 14.35 -32.61 -43.70
C ARG A 714 15.40 -33.11 -44.68
N LEU A 715 16.27 -34.00 -44.20
CA LEU A 715 17.33 -34.57 -45.02
C LEU A 715 16.77 -35.55 -46.04
N GLN A 716 17.63 -36.41 -46.59
CA GLN A 716 17.25 -37.28 -47.70
C GLN A 716 16.19 -38.29 -47.32
N GLY A 717 16.57 -39.29 -46.53
CA GLY A 717 15.62 -40.31 -46.08
C GLY A 717 15.29 -40.15 -44.62
N GLU A 718 15.60 -38.97 -44.07
CA GLU A 718 15.30 -38.68 -42.67
C GLU A 718 13.79 -38.80 -42.42
N THR A 719 13.44 -39.11 -41.18
CA THR A 719 12.05 -39.34 -40.82
C THR A 719 11.55 -38.22 -39.92
N LEU A 720 10.22 -38.19 -39.75
CA LEU A 720 9.60 -37.16 -38.92
C LEU A 720 10.12 -37.23 -37.49
N ASP A 721 10.16 -38.44 -36.92
CA ASP A 721 10.70 -38.61 -35.58
C ASP A 721 12.14 -38.11 -35.51
N GLN A 722 12.95 -38.52 -36.49
CA GLN A 722 14.36 -38.11 -36.51
C GLN A 722 14.48 -36.61 -36.72
N GLN A 723 13.67 -36.03 -37.60
CA GLN A 723 13.75 -34.61 -37.91
C GLN A 723 13.32 -33.75 -36.72
N LEU A 724 12.03 -33.82 -36.36
CA LEU A 724 11.53 -32.99 -35.27
C LEU A 724 12.25 -33.30 -33.96
N GLY A 725 12.72 -34.53 -33.80
CA GLY A 725 13.55 -34.83 -32.64
C GLY A 725 14.88 -34.12 -32.71
N ARG A 726 15.51 -34.11 -33.89
CA ARG A 726 16.79 -33.46 -34.07
C ARG A 726 16.68 -31.95 -33.85
N VAL A 727 15.59 -31.35 -34.35
CA VAL A 727 15.36 -29.92 -34.14
C VAL A 727 15.08 -29.65 -32.66
N LEU A 728 14.19 -30.44 -32.05
CA LEU A 728 13.93 -30.34 -30.63
C LEU A 728 15.23 -30.37 -29.83
N GLY A 729 16.22 -31.13 -30.30
CA GLY A 729 17.53 -31.05 -29.69
C GLY A 729 18.29 -29.79 -30.04
N GLU A 730 18.12 -29.28 -31.27
CA GLU A 730 18.83 -28.08 -31.69
C GLU A 730 18.40 -26.87 -30.87
N VAL A 731 17.14 -26.82 -30.46
CA VAL A 731 16.55 -25.66 -29.80
C VAL A 731 16.40 -25.87 -28.30
N ALA A 732 15.82 -27.01 -27.90
CA ALA A 732 15.37 -27.24 -26.53
C ALA A 732 16.32 -26.75 -25.44
N PRO A 733 17.62 -27.07 -25.43
CA PRO A 733 18.47 -26.60 -24.33
C PRO A 733 18.52 -25.09 -24.20
N SER A 734 18.18 -24.35 -25.26
CA SER A 734 18.08 -22.90 -25.16
C SER A 734 16.84 -22.47 -24.39
N MET A 735 15.67 -22.96 -24.81
CA MET A 735 14.44 -22.67 -24.09
C MET A 735 14.54 -23.10 -22.63
N PHE A 736 15.15 -24.27 -22.39
CA PHE A 736 15.33 -24.75 -21.03
C PHE A 736 16.31 -23.87 -20.26
N LEU A 737 17.34 -23.37 -20.93
CA LEU A 737 18.27 -22.44 -20.28
C LEU A 737 17.56 -21.18 -19.82
N SER A 738 16.90 -20.49 -20.76
CA SER A 738 16.23 -19.24 -20.42
C SER A 738 15.14 -19.47 -19.38
N SER A 739 14.22 -20.40 -19.65
CA SER A 739 13.12 -20.63 -18.73
C SER A 739 13.60 -21.10 -17.35
N PHE A 740 14.69 -21.87 -17.31
CA PHE A 740 15.20 -22.34 -16.03
C PHE A 740 15.83 -21.20 -15.23
N SER A 741 16.71 -20.43 -15.87
CA SER A 741 17.30 -19.28 -15.17
C SER A 741 16.21 -18.32 -14.71
N GLU A 742 15.18 -18.13 -15.52
CA GLU A 742 14.06 -17.27 -15.11
C GLU A 742 13.36 -17.83 -13.88
N THR A 743 13.07 -19.14 -13.88
CA THR A 743 12.35 -19.74 -12.77
C THR A 743 13.13 -19.62 -11.47
N VAL A 744 14.41 -20.01 -11.49
CA VAL A 744 15.22 -19.92 -10.27
C VAL A 744 15.41 -18.46 -9.88
N ALA A 745 15.42 -17.56 -10.87
CA ALA A 745 15.58 -16.14 -10.58
C ALA A 745 14.38 -15.59 -9.83
N PHE A 746 13.18 -15.81 -10.34
CA PHE A 746 11.96 -15.34 -9.68
C PHE A 746 11.80 -16.02 -8.32
N PHE A 747 11.78 -17.35 -8.31
CA PHE A 747 11.67 -18.13 -7.08
C PHE A 747 12.63 -17.60 -6.02
N LEU A 748 13.90 -17.45 -6.37
CA LEU A 748 14.86 -16.83 -5.46
C LEU A 748 14.47 -15.42 -5.12
N GLY A 749 13.72 -14.75 -6.01
CA GLY A 749 13.23 -13.41 -5.76
C GLY A 749 12.16 -13.33 -4.69
N ALA A 750 11.44 -14.44 -4.45
CA ALA A 750 10.43 -14.45 -3.39
C ALA A 750 11.03 -14.30 -2.00
N LEU A 751 12.33 -14.03 -1.92
CA LEU A 751 13.05 -14.08 -0.64
C LEU A 751 12.82 -12.82 0.20
N SER A 752 12.59 -11.66 -0.44
CA SER A 752 12.33 -10.45 0.33
C SER A 752 10.96 -10.50 0.99
N VAL A 753 10.59 -9.41 1.66
CA VAL A 753 9.37 -9.37 2.46
C VAL A 753 8.37 -8.35 1.97
N MET A 754 8.71 -7.53 0.96
CA MET A 754 7.72 -6.70 0.31
C MET A 754 6.70 -7.65 -0.30
N PRO A 755 5.51 -7.78 0.29
CA PRO A 755 4.62 -8.89 -0.09
C PRO A 755 4.18 -8.88 -1.54
N ALA A 756 4.01 -7.69 -2.13
CA ALA A 756 3.65 -7.59 -3.53
C ALA A 756 4.68 -8.28 -4.43
N VAL A 757 5.96 -8.25 -4.05
CA VAL A 757 6.97 -8.94 -4.85
C VAL A 757 7.15 -10.40 -4.42
N HIS A 758 6.80 -10.74 -3.17
CA HIS A 758 6.88 -12.12 -2.70
C HIS A 758 5.84 -13.00 -3.40
N THR A 759 4.56 -12.65 -3.26
CA THR A 759 3.51 -13.40 -3.94
C THR A 759 3.79 -13.50 -5.43
N PHE A 760 4.14 -12.37 -6.06
CA PHE A 760 4.50 -12.37 -7.47
C PHE A 760 5.58 -13.40 -7.77
N SER A 761 6.71 -13.30 -7.05
CA SER A 761 7.85 -14.16 -7.38
C SER A 761 7.52 -15.64 -7.21
N LEU A 762 6.65 -15.98 -6.27
CA LEU A 762 6.18 -17.37 -6.20
C LEU A 762 5.37 -17.74 -7.44
N PHE A 763 4.29 -16.99 -7.70
CA PHE A 763 3.39 -17.29 -8.82
C PHE A 763 4.15 -17.39 -10.14
N ALA A 764 4.95 -16.38 -10.46
CA ALA A 764 5.68 -16.35 -11.72
C ALA A 764 6.78 -17.40 -11.72
N GLY A 765 7.56 -17.45 -10.64
CA GLY A 765 8.63 -18.43 -10.54
C GLY A 765 8.17 -19.84 -10.84
N LEU A 766 6.93 -20.17 -10.49
CA LEU A 766 6.41 -21.48 -10.89
C LEU A 766 5.78 -21.47 -12.28
N ALA A 767 5.02 -20.42 -12.61
CA ALA A 767 4.26 -20.40 -13.85
C ALA A 767 5.17 -20.50 -15.06
N VAL A 768 6.38 -19.94 -14.97
CA VAL A 768 7.34 -20.07 -16.06
C VAL A 768 7.71 -21.54 -16.27
N PHE A 769 8.00 -22.24 -15.17
CA PHE A 769 8.37 -23.65 -15.26
C PHE A 769 7.25 -24.49 -15.84
N ILE A 770 6.03 -24.31 -15.32
CA ILE A 770 4.90 -25.09 -15.83
C ILE A 770 4.67 -24.79 -17.30
N ASP A 771 4.90 -23.52 -17.70
CA ASP A 771 4.80 -23.17 -19.11
C ASP A 771 5.84 -23.94 -19.92
N PHE A 772 7.04 -24.09 -19.38
CA PHE A 772 8.07 -24.85 -20.10
C PHE A 772 7.71 -26.32 -20.20
N LEU A 773 7.12 -26.89 -19.14
CA LEU A 773 6.69 -28.28 -19.18
C LEU A 773 5.60 -28.48 -20.22
N LEU A 774 4.44 -27.85 -20.00
CA LEU A 774 3.33 -27.99 -20.94
C LEU A 774 3.71 -27.53 -22.35
N GLN A 775 4.79 -26.77 -22.50
CA GLN A 775 5.23 -26.25 -23.78
C GLN A 775 6.12 -27.25 -24.53
N ILE A 776 7.10 -27.84 -23.84
CA ILE A 776 7.98 -28.81 -24.48
C ILE A 776 7.36 -30.20 -24.58
N THR A 777 6.25 -30.44 -23.91
CA THR A 777 5.61 -31.76 -23.88
C THR A 777 4.35 -31.77 -24.74
N CYS A 778 3.29 -31.07 -24.32
CA CYS A 778 2.04 -31.09 -25.06
C CYS A 778 2.15 -30.35 -26.38
N PHE A 779 2.79 -29.18 -26.38
CA PHE A 779 2.79 -28.34 -27.57
C PHE A 779 3.53 -28.99 -28.73
N VAL A 780 4.71 -29.56 -28.46
CA VAL A 780 5.51 -30.12 -29.54
C VAL A 780 4.83 -31.37 -30.08
N SER A 781 4.17 -32.13 -29.21
CA SER A 781 3.50 -33.35 -29.62
C SER A 781 2.25 -33.06 -30.42
N LEU A 782 1.63 -31.90 -30.20
CA LEU A 782 0.59 -31.44 -31.11
C LEU A 782 1.16 -30.58 -32.24
N LEU A 783 2.47 -30.38 -32.27
CA LEU A 783 3.12 -29.80 -33.44
C LEU A 783 3.40 -30.85 -34.50
N GLY A 784 3.83 -32.04 -34.08
CA GLY A 784 3.95 -33.13 -35.04
C GLY A 784 2.65 -33.43 -35.75
N LEU A 785 1.52 -33.25 -35.08
CA LEU A 785 0.22 -33.46 -35.70
C LEU A 785 -0.04 -32.45 -36.81
N ASP A 786 0.21 -31.16 -36.53
CA ASP A 786 0.04 -30.14 -37.56
C ASP A 786 1.06 -30.32 -38.68
N ILE A 787 2.20 -30.92 -38.38
CA ILE A 787 3.17 -31.25 -39.42
C ILE A 787 2.60 -32.30 -40.36
N LYS A 788 2.12 -33.42 -39.81
CA LYS A 788 1.56 -34.47 -40.65
C LYS A 788 0.34 -33.97 -41.42
N ARG A 789 -0.49 -33.14 -40.80
CA ARG A 789 -1.60 -32.53 -41.51
C ARG A 789 -1.10 -31.63 -42.65
N GLN A 790 0.03 -30.95 -42.42
CA GLN A 790 0.58 -30.08 -43.45
C GLN A 790 1.18 -30.87 -44.61
N GLU A 791 1.68 -32.08 -44.34
CA GLU A 791 2.28 -32.91 -45.38
C GLU A 791 1.27 -33.82 -46.07
N LYS A 792 0.13 -34.09 -45.43
CA LYS A 792 -0.97 -34.79 -46.08
C LYS A 792 -2.02 -33.83 -46.64
N ASN A 793 -1.65 -32.57 -46.83
CA ASN A 793 -2.34 -31.59 -47.66
C ASN A 793 -3.71 -31.20 -47.15
N ARG A 794 -4.14 -31.70 -45.99
CA ARG A 794 -5.42 -31.32 -45.44
C ARG A 794 -5.30 -29.99 -44.71
N LEU A 795 -6.36 -29.18 -44.78
CA LEU A 795 -6.32 -27.82 -44.24
C LEU A 795 -6.09 -27.83 -42.74
N ASP A 796 -5.45 -26.76 -42.26
CA ASP A 796 -5.08 -26.68 -40.85
C ASP A 796 -6.31 -26.62 -39.94
N ILE A 797 -7.19 -25.65 -40.18
CA ILE A 797 -8.33 -25.46 -39.28
C ILE A 797 -9.42 -26.49 -39.55
N PHE A 798 -9.60 -26.87 -40.82
CA PHE A 798 -10.77 -27.67 -41.21
C PHE A 798 -10.43 -29.14 -41.41
N CYS A 799 -9.94 -29.48 -42.60
CA CYS A 799 -9.83 -30.86 -43.07
C CYS A 799 -11.19 -31.56 -43.06
N GLU A 814 9.55 -20.11 -48.82
CA GLU A 814 10.74 -20.58 -48.10
C GLU A 814 11.42 -19.45 -47.34
N SER A 815 11.74 -19.71 -46.07
CA SER A 815 12.35 -18.76 -45.13
C SER A 815 11.44 -17.56 -44.87
N CYS A 816 10.25 -17.55 -45.47
CA CYS A 816 9.36 -16.39 -45.48
C CYS A 816 10.12 -15.11 -45.79
N LEU A 817 10.11 -14.16 -44.86
CA LEU A 817 10.72 -12.86 -45.09
C LEU A 817 11.77 -12.51 -44.05
N PHE A 818 11.45 -12.64 -42.75
CA PHE A 818 12.37 -12.13 -41.73
C PHE A 818 13.66 -12.92 -41.63
N ARG A 819 13.70 -14.14 -42.17
CA ARG A 819 15.00 -14.78 -42.38
C ARG A 819 15.86 -13.92 -43.29
N PHE A 820 15.29 -13.45 -44.41
CA PHE A 820 15.97 -12.48 -45.25
C PHE A 820 16.25 -11.20 -44.49
N PHE A 821 15.20 -10.57 -43.95
CA PHE A 821 15.33 -9.26 -43.31
C PHE A 821 16.46 -9.26 -42.28
N LYS A 822 16.65 -10.38 -41.59
CA LYS A 822 17.76 -10.46 -40.65
C LYS A 822 19.06 -10.90 -41.31
N ASN A 823 19.00 -11.52 -42.51
CA ASN A 823 20.27 -11.81 -43.18
C ASN A 823 20.87 -10.53 -43.75
N SER A 824 20.06 -9.47 -43.88
CA SER A 824 20.50 -8.14 -44.29
C SER A 824 20.73 -7.21 -43.11
N TYR A 825 19.90 -7.30 -42.07
CA TYR A 825 20.11 -6.49 -40.87
C TYR A 825 21.38 -6.91 -40.14
N SER A 826 21.57 -8.22 -39.97
CA SER A 826 22.72 -8.70 -39.21
C SER A 826 24.07 -8.19 -39.72
N PRO A 827 24.34 -8.14 -41.03
CA PRO A 827 25.67 -7.65 -41.45
C PRO A 827 25.87 -6.15 -41.22
N LEU A 828 24.88 -5.31 -41.54
CA LEU A 828 25.07 -3.86 -41.39
C LEU A 828 25.42 -3.49 -39.96
N LEU A 829 24.78 -4.15 -39.00
CA LEU A 829 24.91 -3.76 -37.60
C LEU A 829 26.32 -3.93 -37.06
N LEU A 830 27.16 -4.74 -37.70
CA LEU A 830 28.45 -5.07 -37.11
C LEU A 830 29.61 -5.03 -38.09
N LYS A 831 29.42 -4.53 -39.31
CA LYS A 831 30.58 -4.10 -40.08
C LYS A 831 31.33 -3.06 -39.26
N ASP A 832 32.60 -3.37 -38.94
CA ASP A 832 33.40 -2.56 -38.02
C ASP A 832 33.31 -1.07 -38.29
N TRP A 833 32.81 -0.69 -39.46
CA TRP A 833 32.41 0.69 -39.71
C TRP A 833 31.37 1.17 -38.69
N MET A 834 30.45 0.30 -38.30
CA MET A 834 29.27 0.71 -37.56
C MET A 834 29.20 0.23 -36.11
N ARG A 835 29.77 -0.93 -35.78
CA ARG A 835 29.93 -1.40 -34.40
C ARG A 835 30.21 -0.28 -33.39
N PRO A 836 31.30 0.50 -33.59
CA PRO A 836 31.66 1.53 -32.58
C PRO A 836 30.54 2.49 -32.30
N ILE A 837 29.89 2.96 -33.35
CA ILE A 837 28.80 3.94 -33.25
C ILE A 837 27.73 3.41 -32.30
N VAL A 838 27.32 2.15 -32.50
CA VAL A 838 26.29 1.55 -31.67
C VAL A 838 26.72 1.54 -30.21
N ILE A 839 27.93 1.00 -29.95
CA ILE A 839 28.40 0.99 -28.56
C ILE A 839 28.39 2.40 -27.97
N ALA A 840 28.74 3.39 -28.78
CA ALA A 840 28.73 4.77 -28.32
C ALA A 840 27.33 5.21 -27.92
N ILE A 841 26.33 4.90 -28.76
CA ILE A 841 24.96 5.28 -28.45
C ILE A 841 24.52 4.68 -27.11
N PHE A 842 24.71 3.36 -26.96
CA PHE A 842 24.23 2.72 -25.74
C PHE A 842 24.98 3.20 -24.51
N VAL A 843 26.28 3.48 -24.64
CA VAL A 843 27.00 4.01 -23.49
C VAL A 843 26.55 5.42 -23.16
N GLY A 844 26.18 6.20 -24.18
CA GLY A 844 25.60 7.51 -23.91
C GLY A 844 24.33 7.43 -23.10
N VAL A 845 23.37 6.62 -23.59
CA VAL A 845 22.10 6.48 -22.88
C VAL A 845 22.35 5.98 -21.46
N LEU A 846 23.17 4.93 -21.32
CA LEU A 846 23.47 4.38 -20.00
C LEU A 846 24.06 5.42 -19.07
N SER A 847 24.96 6.26 -19.58
CA SER A 847 25.52 7.33 -18.75
C SER A 847 24.45 8.32 -18.33
N PHE A 848 23.54 8.66 -19.25
CA PHE A 848 22.41 9.52 -18.90
C PHE A 848 21.63 8.95 -17.71
N SER A 849 21.18 7.69 -17.84
CA SER A 849 20.37 7.12 -16.77
C SER A 849 21.18 7.00 -15.47
N ILE A 850 22.46 6.64 -15.58
CA ILE A 850 23.33 6.59 -14.41
C ILE A 850 23.32 7.94 -13.69
N ALA A 851 23.35 9.03 -14.46
CA ALA A 851 23.30 10.36 -13.86
C ALA A 851 21.96 10.61 -13.18
N VAL A 852 20.86 10.50 -13.92
CA VAL A 852 19.57 10.95 -13.41
C VAL A 852 18.75 9.81 -12.82
N LEU A 853 19.41 8.80 -12.24
CA LEU A 853 18.66 7.79 -11.49
C LEU A 853 18.45 8.18 -10.03
N ASN A 854 19.28 9.08 -9.48
CA ASN A 854 19.11 9.49 -8.09
C ASN A 854 17.84 10.29 -7.89
N LYS A 855 17.50 11.13 -8.86
CA LYS A 855 16.37 12.04 -8.72
C LYS A 855 15.04 11.35 -9.03
N VAL A 856 14.93 10.07 -8.69
CA VAL A 856 13.71 9.30 -8.94
C VAL A 856 12.76 9.48 -7.76
N ASP A 857 11.48 9.53 -8.05
CA ASP A 857 10.47 9.84 -7.03
C ASP A 857 10.09 8.57 -6.28
N ILE A 858 10.26 8.60 -4.96
CA ILE A 858 9.85 7.50 -4.09
C ILE A 858 8.42 7.75 -3.63
N GLY A 859 7.58 6.73 -3.75
CA GLY A 859 6.29 6.82 -3.10
C GLY A 859 5.16 7.05 -4.08
N LEU A 860 3.98 6.57 -3.71
CA LEU A 860 2.77 6.79 -4.50
C LEU A 860 2.19 8.16 -4.18
N ASP A 861 1.61 8.79 -5.20
CA ASP A 861 0.93 10.08 -5.05
C ASP A 861 -0.56 9.77 -4.87
N GLN A 862 -1.01 9.75 -3.61
CA GLN A 862 -2.36 9.27 -3.31
C GLN A 862 -3.43 10.05 -4.06
N SER A 863 -3.18 11.32 -4.34
CA SER A 863 -4.14 12.09 -5.13
C SER A 863 -4.23 11.60 -6.56
N LEU A 864 -3.15 10.98 -7.06
CA LEU A 864 -3.14 10.46 -8.43
C LEU A 864 -3.92 9.17 -8.55
N SER A 865 -3.88 8.33 -7.50
CA SER A 865 -4.47 7.00 -7.54
C SER A 865 -5.99 7.01 -7.61
N MET A 866 -6.64 8.18 -7.58
CA MET A 866 -8.09 8.21 -7.55
C MET A 866 -8.66 8.34 -8.95
N PRO A 867 -9.92 7.93 -9.14
CA PRO A 867 -10.54 8.05 -10.47
C PRO A 867 -10.59 9.50 -10.94
N ASP A 868 -11.00 9.65 -12.21
CA ASP A 868 -11.01 10.93 -12.89
C ASP A 868 -11.76 11.99 -12.09
N ASP A 869 -13.08 11.85 -11.99
CA ASP A 869 -13.87 12.80 -11.22
C ASP A 869 -14.48 12.17 -9.98
N SER A 870 -13.64 11.53 -9.16
CA SER A 870 -14.10 11.02 -7.88
C SER A 870 -14.35 12.19 -6.92
N TYR A 871 -14.84 11.87 -5.72
CA TYR A 871 -15.02 12.90 -4.72
C TYR A 871 -13.84 13.00 -3.78
N MET A 872 -13.00 11.97 -3.70
CA MET A 872 -11.88 11.99 -2.77
C MET A 872 -10.83 13.00 -3.20
N VAL A 873 -10.78 13.34 -4.49
CA VAL A 873 -9.83 14.34 -4.96
C VAL A 873 -10.13 15.69 -4.33
N ASP A 874 -11.38 16.14 -4.46
CA ASP A 874 -11.83 17.35 -3.78
C ASP A 874 -11.60 17.25 -2.28
N TYR A 875 -11.62 16.05 -1.72
CA TYR A 875 -11.37 15.88 -0.29
C TYR A 875 -9.91 16.12 0.05
N PHE A 876 -8.98 15.64 -0.79
CA PHE A 876 -7.56 15.88 -0.52
C PHE A 876 -7.24 17.36 -0.70
N LYS A 877 -7.75 17.98 -1.76
CA LYS A 877 -7.53 19.41 -1.95
C LYS A 877 -8.09 20.19 -0.77
N SER A 878 -9.34 19.93 -0.40
CA SER A 878 -9.96 20.64 0.72
C SER A 878 -9.32 20.29 2.05
N ILE A 879 -8.52 19.22 2.11
CA ILE A 879 -7.71 18.98 3.30
C ILE A 879 -6.48 19.88 3.31
N SER A 880 -5.75 19.91 2.19
CA SER A 880 -4.54 20.74 2.13
C SER A 880 -4.87 22.22 2.28
N GLN A 881 -6.09 22.62 1.91
CA GLN A 881 -6.46 24.04 1.95
C GLN A 881 -6.75 24.51 3.37
N TYR A 882 -7.79 23.96 3.98
CA TYR A 882 -8.31 24.49 5.25
C TYR A 882 -7.70 23.84 6.48
N LEU A 883 -7.47 22.52 6.44
CA LEU A 883 -7.23 21.77 7.67
C LEU A 883 -5.92 22.17 8.34
N HIS A 884 -5.87 21.95 9.65
CA HIS A 884 -4.71 22.30 10.48
C HIS A 884 -4.15 21.15 11.29
N ALA A 885 -4.84 20.01 11.34
CA ALA A 885 -4.34 18.83 12.03
C ALA A 885 -4.37 17.64 11.08
N GLY A 886 -3.42 16.73 11.27
CA GLY A 886 -3.36 15.54 10.45
C GLY A 886 -3.79 14.29 11.19
N PRO A 887 -3.29 13.14 10.75
CA PRO A 887 -3.58 11.91 11.47
C PRO A 887 -3.09 11.99 12.89
N PRO A 888 -3.69 11.22 13.80
CA PRO A 888 -3.23 11.19 15.19
C PRO A 888 -2.20 10.11 15.43
N VAL A 889 -1.39 10.33 16.46
CA VAL A 889 -0.36 9.37 16.86
C VAL A 889 -0.53 9.04 18.34
N TYR A 890 -0.31 7.77 18.66
CA TYR A 890 -0.47 7.24 20.02
C TYR A 890 0.93 6.84 20.48
N PHE A 891 1.63 7.78 21.11
CA PHE A 891 2.90 7.45 21.71
C PHE A 891 2.68 6.42 22.81
N VAL A 892 3.12 5.19 22.56
CA VAL A 892 2.82 4.04 23.40
C VAL A 892 4.01 3.75 24.29
N LEU A 893 3.76 3.67 25.60
CA LEU A 893 4.73 3.15 26.55
C LEU A 893 4.35 1.72 26.87
N GLU A 894 5.26 0.79 26.60
CA GLU A 894 4.99 -0.63 26.78
C GLU A 894 4.99 -0.98 28.28
N GLU A 895 4.79 -2.26 28.57
CA GLU A 895 4.76 -2.71 29.95
C GLU A 895 6.13 -2.55 30.60
N GLY A 896 6.17 -2.65 31.92
CA GLY A 896 7.40 -2.72 32.67
C GLY A 896 7.79 -1.47 33.43
N HIS A 897 7.15 -0.33 33.16
CA HIS A 897 7.53 0.88 33.88
C HIS A 897 6.99 0.86 35.30
N ASP A 898 7.64 1.63 36.17
CA ASP A 898 7.33 1.60 37.59
C ASP A 898 6.03 2.32 37.90
N TYR A 899 5.89 3.56 37.41
CA TYR A 899 4.69 4.36 37.58
C TYR A 899 4.39 4.70 39.04
N THR A 900 4.31 3.68 39.89
CA THR A 900 4.02 3.90 41.30
C THR A 900 5.26 4.35 42.05
N SER A 901 5.96 5.35 41.51
CA SER A 901 7.21 5.80 42.09
C SER A 901 7.53 7.20 41.58
N SER A 902 8.31 7.94 42.36
CA SER A 902 8.73 9.28 42.00
C SER A 902 9.47 9.26 40.67
N LYS A 903 10.68 8.68 40.66
CA LYS A 903 11.47 8.64 39.45
C LYS A 903 10.75 7.93 38.30
N GLY A 904 9.79 7.07 38.62
CA GLY A 904 9.01 6.44 37.56
C GLY A 904 8.04 7.40 36.91
N GLN A 905 7.39 8.23 37.73
CA GLN A 905 6.46 9.21 37.19
C GLN A 905 7.20 10.32 36.46
N ASN A 906 8.23 10.89 37.10
CA ASN A 906 8.95 12.01 36.51
C ASN A 906 9.56 11.64 35.16
N MET A 907 9.84 10.35 34.93
CA MET A 907 10.31 9.92 33.62
C MET A 907 9.23 10.02 32.56
N VAL A 908 7.96 10.04 32.98
CA VAL A 908 6.83 10.00 32.07
C VAL A 908 5.92 11.22 32.23
N CYS A 909 5.73 11.67 33.46
CA CYS A 909 4.89 12.82 33.76
C CYS A 909 5.35 14.08 33.03
N GLY A 910 4.50 15.11 33.06
CA GLY A 910 4.80 16.33 32.35
C GLY A 910 4.58 17.61 33.14
N GLY A 911 5.61 18.46 33.19
CA GLY A 911 5.55 19.68 33.97
C GLY A 911 5.40 19.45 35.45
N MET A 912 5.48 20.53 36.25
CA MET A 912 5.30 20.44 37.70
C MET A 912 6.36 19.52 38.33
N GLY A 913 7.62 19.80 38.01
CA GLY A 913 8.73 19.06 38.60
C GLY A 913 8.98 17.69 38.00
N CYS A 914 8.61 17.48 36.74
CA CYS A 914 8.70 16.17 36.11
C CYS A 914 9.79 16.20 35.03
N ASN A 915 11.03 16.31 35.50
CA ASN A 915 12.23 16.33 34.65
C ASN A 915 12.11 17.43 33.60
N ASN A 916 12.97 17.40 32.58
CA ASN A 916 12.69 18.13 31.34
C ASN A 916 12.83 17.23 30.13
N ASP A 917 13.39 16.03 30.27
CA ASP A 917 13.47 15.05 29.19
C ASP A 917 12.36 14.01 29.30
N SER A 918 11.30 14.31 30.03
CA SER A 918 10.23 13.35 30.23
C SER A 918 9.45 13.16 28.93
N LEU A 919 8.63 12.10 28.93
CA LEU A 919 7.94 11.67 27.71
C LEU A 919 7.03 12.77 27.16
N VAL A 920 6.08 13.24 27.96
CA VAL A 920 5.17 14.27 27.46
C VAL A 920 5.88 15.61 27.33
N GLN A 921 6.93 15.84 28.13
CA GLN A 921 7.75 17.02 27.89
C GLN A 921 8.49 16.91 26.57
N GLN A 922 8.94 15.70 26.23
CA GLN A 922 9.61 15.50 24.95
C GLN A 922 8.66 15.75 23.78
N ILE A 923 7.42 15.26 23.89
CA ILE A 923 6.46 15.44 22.81
C ILE A 923 5.99 16.87 22.73
N PHE A 924 5.91 17.56 23.86
CA PHE A 924 5.52 18.97 23.87
C PHE A 924 6.61 19.83 23.23
N ASN A 925 7.84 19.72 23.74
CA ASN A 925 8.96 20.44 23.15
C ASN A 925 9.10 20.12 21.67
N ALA A 926 8.85 18.87 21.30
CA ALA A 926 8.85 18.49 19.90
C ALA A 926 7.67 19.08 19.15
N ALA A 927 6.62 19.47 19.86
CA ALA A 927 5.46 20.09 19.22
C ALA A 927 5.61 21.58 19.03
N GLN A 928 6.49 22.23 19.82
CA GLN A 928 6.77 23.64 19.57
C GLN A 928 7.26 23.87 18.15
N LEU A 929 8.09 22.97 17.63
CA LEU A 929 8.52 23.02 16.23
C LEU A 929 7.68 22.01 15.46
N ASP A 930 6.46 22.40 15.12
CA ASP A 930 5.54 21.49 14.45
C ASP A 930 5.89 21.33 12.98
N ASN A 931 6.19 22.43 12.28
CA ASN A 931 6.46 22.33 10.85
C ASN A 931 7.86 21.70 10.56
N TYR A 932 8.59 21.24 11.58
CA TYR A 932 9.84 20.50 11.40
C TYR A 932 9.65 19.09 11.94
N THR A 933 9.83 18.90 13.25
CA THR A 933 9.41 17.65 13.87
C THR A 933 7.91 17.52 13.70
N ARG A 934 7.49 16.68 12.75
CA ARG A 934 6.07 16.68 12.42
C ARG A 934 5.25 16.06 13.56
N ILE A 935 5.25 16.75 14.69
CA ILE A 935 4.37 16.50 15.83
C ILE A 935 3.57 17.76 16.07
N GLY A 936 2.25 17.67 15.98
CA GLY A 936 1.41 18.85 15.86
C GLY A 936 1.17 19.66 17.12
N PHE A 937 0.58 19.06 18.15
CA PHE A 937 -0.08 19.84 19.18
C PHE A 937 0.26 19.26 20.55
N ALA A 938 -0.59 19.54 21.53
CA ALA A 938 -0.32 19.14 22.91
C ALA A 938 -0.54 17.64 23.08
N PRO A 939 0.17 17.01 24.04
CA PRO A 939 0.14 15.54 24.15
C PRO A 939 -1.07 14.94 24.86
N SER A 940 -1.68 15.67 25.79
CA SER A 940 -2.91 15.25 26.45
C SER A 940 -2.74 13.98 27.27
N SER A 941 -1.93 14.06 28.33
CA SER A 941 -1.60 12.88 29.12
C SER A 941 -2.69 12.53 30.11
N TRP A 942 -2.70 11.26 30.54
CA TRP A 942 -3.59 10.76 31.57
C TRP A 942 -3.01 10.94 32.97
N ILE A 943 -1.72 10.63 33.15
CA ILE A 943 -1.13 10.60 34.49
C ILE A 943 -1.12 12.00 35.10
N ASP A 944 -0.99 13.04 34.27
CA ASP A 944 -1.05 14.40 34.79
C ASP A 944 -2.47 14.75 35.21
N ASP A 945 -3.47 14.30 34.44
CA ASP A 945 -4.86 14.53 34.83
C ASP A 945 -5.23 13.72 36.06
N TYR A 946 -4.72 12.49 36.16
CA TYR A 946 -4.88 11.69 37.37
C TYR A 946 -4.32 12.41 38.58
N PHE A 947 -3.08 12.91 38.47
CA PHE A 947 -2.50 13.70 39.56
C PHE A 947 -3.36 14.92 39.87
N ASP A 948 -3.87 15.58 38.85
CA ASP A 948 -4.78 16.71 39.01
C ASP A 948 -6.21 16.28 39.32
N TRP A 949 -6.40 15.02 39.69
CA TRP A 949 -7.71 14.48 40.05
C TRP A 949 -7.74 13.91 41.47
N VAL A 950 -6.70 13.18 41.89
CA VAL A 950 -6.63 12.71 43.26
C VAL A 950 -6.38 13.86 44.22
N LYS A 951 -5.84 14.97 43.71
CA LYS A 951 -5.44 16.16 44.47
C LYS A 951 -6.40 16.45 45.61
N PRO A 952 -5.89 16.65 46.84
CA PRO A 952 -6.79 16.93 47.96
C PRO A 952 -7.59 18.21 47.79
N GLN A 953 -7.00 19.22 47.14
CA GLN A 953 -7.65 20.50 46.89
C GLN A 953 -8.77 20.41 45.87
N SER A 954 -9.28 19.24 45.51
CA SER A 954 -10.18 19.12 44.37
C SER A 954 -11.57 18.62 44.71
N SER A 955 -11.74 17.88 45.81
CA SER A 955 -12.98 17.19 46.14
C SER A 955 -13.43 16.23 45.03
N CYS A 956 -12.49 15.87 44.13
CA CYS A 956 -12.76 14.90 43.08
C CYS A 956 -12.85 13.48 43.63
N CYS A 957 -11.78 13.02 44.28
CA CYS A 957 -11.70 11.67 44.81
C CYS A 957 -12.16 11.67 46.26
N ARG A 958 -13.19 10.86 46.55
CA ARG A 958 -13.70 10.66 47.90
C ARG A 958 -14.11 9.21 48.05
N VAL A 959 -13.74 8.61 49.17
CA VAL A 959 -14.12 7.24 49.50
C VAL A 959 -14.99 7.27 50.75
N ASP A 960 -15.95 6.36 50.81
CA ASP A 960 -16.89 6.35 51.92
C ASP A 960 -16.21 5.89 53.20
N ASN A 961 -16.54 6.56 54.30
CA ASN A 961 -15.91 6.29 55.59
C ASN A 961 -16.17 4.88 56.09
N ILE A 962 -17.27 4.24 55.66
CA ILE A 962 -17.72 3.01 56.31
C ILE A 962 -17.93 1.85 55.35
N THR A 963 -18.17 2.05 54.06
CA THR A 963 -18.16 0.95 53.10
C THR A 963 -16.88 0.91 52.28
N ASP A 964 -15.98 1.87 52.48
CA ASP A 964 -14.67 1.92 51.84
C ASP A 964 -14.76 1.86 50.32
N GLN A 965 -15.96 2.03 49.78
CA GLN A 965 -16.14 2.12 48.33
C GLN A 965 -16.03 3.56 47.89
N PHE A 966 -15.55 3.74 46.66
CA PHE A 966 -15.30 5.07 46.10
C PHE A 966 -16.59 5.85 45.99
N CYS A 967 -16.66 6.98 46.69
CA CYS A 967 -17.78 7.88 46.56
C CYS A 967 -17.64 8.76 45.33
N ASN A 968 -18.78 9.21 44.83
CA ASN A 968 -18.83 10.05 43.64
C ASN A 968 -18.15 11.39 43.90
N ALA A 969 -18.14 12.23 42.87
CA ALA A 969 -17.83 13.64 43.02
C ALA A 969 -19.08 14.51 43.16
N SER A 970 -20.24 13.98 42.76
CA SER A 970 -21.50 14.71 42.82
C SER A 970 -22.40 14.25 43.97
N VAL A 971 -21.98 13.25 44.76
CA VAL A 971 -22.80 12.69 45.84
C VAL A 971 -22.71 13.60 47.06
N VAL A 972 -23.59 13.37 48.04
CA VAL A 972 -23.81 14.34 49.11
C VAL A 972 -22.77 14.17 50.21
N ASP A 973 -22.02 13.09 50.16
CA ASP A 973 -21.02 12.65 51.12
C ASP A 973 -21.27 13.01 52.59
N PRO A 974 -22.12 12.27 53.27
CA PRO A 974 -22.22 12.44 54.72
C PRO A 974 -20.95 11.96 55.41
N ALA A 975 -20.46 10.82 54.95
CA ALA A 975 -19.24 10.21 55.48
C ALA A 975 -18.18 10.00 54.42
N CYS A 976 -18.42 10.34 53.15
CA CYS A 976 -17.37 10.16 52.17
C CYS A 976 -16.25 11.17 52.46
N VAL A 977 -15.14 10.66 52.96
CA VAL A 977 -13.95 11.46 53.25
C VAL A 977 -13.12 11.55 51.98
N ARG A 978 -12.15 12.45 51.96
CA ARG A 978 -11.29 12.64 50.81
C ARG A 978 -10.27 11.51 50.70
N CYS A 979 -9.93 11.15 49.45
CA CYS A 979 -8.95 10.10 49.21
C CYS A 979 -7.58 10.47 49.77
N ARG A 980 -7.04 11.61 49.33
CA ARG A 980 -5.75 12.06 49.81
C ARG A 980 -5.95 13.12 50.86
N PRO A 981 -5.40 12.96 52.07
CA PRO A 981 -5.59 13.96 53.12
C PRO A 981 -4.91 15.27 52.77
N LEU A 982 -5.38 16.34 53.41
CA LEU A 982 -4.85 17.69 53.19
C LEU A 982 -3.68 17.97 54.12
N THR A 983 -2.73 17.04 54.18
CA THR A 983 -1.47 17.25 54.88
C THR A 983 -0.52 17.95 53.92
N PRO A 984 0.69 18.31 54.36
CA PRO A 984 1.69 18.76 53.38
C PRO A 984 2.17 17.63 52.48
N GLU A 985 2.41 16.45 53.05
CA GLU A 985 2.84 15.31 52.24
C GLU A 985 1.69 14.74 51.42
N GLY A 986 0.45 14.89 51.90
CA GLY A 986 -0.68 14.39 51.14
C GLY A 986 -0.93 15.12 49.84
N LYS A 987 -0.59 16.42 49.80
CA LYS A 987 -0.74 17.18 48.57
C LYS A 987 0.24 16.73 47.50
N GLN A 988 1.27 15.97 47.89
CA GLN A 988 2.22 15.44 46.93
C GLN A 988 1.62 14.23 46.21
N ARG A 989 2.21 13.90 45.07
CA ARG A 989 1.65 12.89 44.19
C ARG A 989 1.65 11.52 44.88
N PRO A 990 0.67 10.65 44.57
CA PRO A 990 0.59 9.34 45.21
C PRO A 990 1.76 8.44 44.84
N GLN A 991 2.82 8.46 45.67
CA GLN A 991 4.02 7.70 45.36
C GLN A 991 3.82 6.21 45.59
N GLY A 992 3.28 5.84 46.76
CA GLY A 992 3.17 4.45 47.13
C GLY A 992 2.14 3.66 46.34
N GLY A 993 1.68 2.54 46.91
CA GLY A 993 0.63 1.75 46.30
C GLY A 993 -0.72 2.45 46.24
N ASP A 994 -0.86 3.59 46.93
CA ASP A 994 -2.07 4.40 46.83
C ASP A 994 -2.33 4.81 45.39
N PHE A 995 -1.27 5.01 44.61
CA PHE A 995 -1.38 5.19 43.16
C PHE A 995 -2.28 4.12 42.55
N MET A 996 -1.88 2.85 42.72
CA MET A 996 -2.69 1.74 42.21
C MET A 996 -4.02 1.61 42.94
N ARG A 997 -4.14 2.18 44.14
CA ARG A 997 -5.41 2.10 44.86
C ARG A 997 -6.46 2.99 44.22
N PHE A 998 -6.11 4.25 43.95
CA PHE A 998 -7.07 5.22 43.45
C PHE A 998 -7.18 5.25 41.94
N LEU A 999 -6.16 4.79 41.21
CA LEU A 999 -6.19 4.83 39.75
C LEU A 999 -7.40 4.16 39.13
N PRO A 1000 -7.82 2.95 39.55
CA PRO A 1000 -9.04 2.37 38.95
C PRO A 1000 -10.27 3.21 39.22
N MET A 1001 -10.33 3.88 40.37
CA MET A 1001 -11.47 4.75 40.66
C MET A 1001 -11.48 5.97 39.72
N PHE A 1002 -10.30 6.53 39.43
CA PHE A 1002 -10.22 7.60 38.45
C PHE A 1002 -10.68 7.12 37.08
N LEU A 1003 -10.24 5.93 36.68
CA LEU A 1003 -10.66 5.40 35.39
C LEU A 1003 -12.10 4.91 35.39
N SER A 1004 -12.74 4.85 36.55
CA SER A 1004 -14.18 4.63 36.62
C SER A 1004 -14.95 5.93 36.79
N ASP A 1005 -14.30 6.98 37.28
CA ASP A 1005 -14.95 8.26 37.49
C ASP A 1005 -15.45 8.84 36.17
N ASN A 1006 -16.50 9.65 36.25
CA ASN A 1006 -17.17 10.19 35.08
C ASN A 1006 -17.15 11.73 35.10
N PRO A 1007 -17.54 12.40 34.02
CA PRO A 1007 -17.65 13.87 34.07
C PRO A 1007 -18.65 14.31 35.14
N ASN A 1008 -18.15 15.05 36.14
CA ASN A 1008 -18.98 15.63 37.18
C ASN A 1008 -18.65 17.11 37.28
N PRO A 1009 -19.65 18.00 37.26
CA PRO A 1009 -19.35 19.44 37.31
C PRO A 1009 -18.68 19.87 38.60
N LYS A 1010 -18.74 19.06 39.65
CA LYS A 1010 -17.96 19.36 40.86
C LYS A 1010 -16.53 18.84 40.74
N CYS A 1011 -16.24 18.02 39.72
CA CYS A 1011 -14.88 17.57 39.46
C CYS A 1011 -14.52 17.87 38.01
N GLY A 1012 -13.79 16.99 37.35
CA GLY A 1012 -13.40 17.25 35.98
C GLY A 1012 -14.04 16.30 35.00
N LYS A 1013 -13.29 15.91 33.96
CA LYS A 1013 -13.78 14.96 32.97
C LYS A 1013 -13.65 13.51 33.43
N GLY A 1014 -12.76 13.23 34.39
CA GLY A 1014 -12.57 11.88 34.88
C GLY A 1014 -11.83 10.99 33.90
N GLY A 1015 -11.51 9.77 34.33
CA GLY A 1015 -10.73 8.88 33.50
C GLY A 1015 -11.53 8.11 32.47
N HIS A 1016 -12.82 7.86 32.75
CA HIS A 1016 -13.66 7.16 31.79
C HIS A 1016 -13.77 7.89 30.47
N ALA A 1017 -13.49 9.20 30.46
CA ALA A 1017 -13.64 10.06 29.29
C ALA A 1017 -12.83 9.56 28.11
N ALA A 1018 -11.52 9.67 28.23
CA ALA A 1018 -10.59 9.16 27.22
C ALA A 1018 -9.46 8.27 27.74
N TYR A 1019 -9.04 8.36 29.00
CA TYR A 1019 -7.94 7.58 29.57
C TYR A 1019 -8.40 6.19 30.04
N SER A 1020 -9.69 5.90 29.92
CA SER A 1020 -10.19 4.57 30.20
C SER A 1020 -9.51 3.60 29.23
N SER A 1021 -9.78 3.77 27.94
CA SER A 1021 -9.21 2.91 26.91
C SER A 1021 -7.77 3.28 26.60
N ALA A 1022 -7.05 3.79 27.61
CA ALA A 1022 -5.68 4.24 27.42
C ALA A 1022 -4.76 3.62 28.46
N VAL A 1023 -5.29 3.33 29.64
CA VAL A 1023 -4.51 2.74 30.72
C VAL A 1023 -4.92 1.29 30.87
N ASN A 1024 -3.95 0.39 30.80
CA ASN A 1024 -4.16 -1.04 30.96
C ASN A 1024 -3.74 -1.43 32.37
N ILE A 1025 -4.69 -1.90 33.16
CA ILE A 1025 -4.44 -2.31 34.54
C ILE A 1025 -4.22 -3.82 34.53
N LEU A 1026 -2.96 -4.24 34.63
CA LEU A 1026 -2.62 -5.65 34.79
C LEU A 1026 -2.88 -6.07 36.23
N LEU A 1027 -3.60 -7.18 36.38
CA LEU A 1027 -3.95 -7.74 37.68
C LEU A 1027 -3.03 -8.90 38.01
N GLY A 1028 -2.38 -8.84 39.17
CA GLY A 1028 -1.45 -9.87 39.57
C GLY A 1028 -0.43 -9.38 40.58
N HIS A 1029 -0.23 -10.14 41.65
CA HIS A 1029 0.61 -9.72 42.78
C HIS A 1029 0.23 -8.31 43.24
N GLY A 1030 -1.07 -8.12 43.44
CA GLY A 1030 -1.63 -6.80 43.67
C GLY A 1030 -2.15 -6.18 42.39
N THR A 1031 -1.48 -5.15 41.91
CA THR A 1031 -1.84 -4.50 40.65
C THR A 1031 -0.59 -3.91 40.01
N ARG A 1032 -0.69 -3.63 38.72
CA ARG A 1032 0.39 -2.97 37.99
C ARG A 1032 -0.20 -2.27 36.78
N VAL A 1033 0.51 -1.27 36.29
CA VAL A 1033 0.10 -0.52 35.09
C VAL A 1033 0.82 -1.10 33.89
N GLY A 1034 0.06 -1.58 32.92
CA GLY A 1034 0.63 -2.17 31.72
C GLY A 1034 1.09 -1.13 30.72
N ALA A 1035 0.54 -1.18 29.51
CA ALA A 1035 0.88 -0.23 28.47
C ALA A 1035 -0.01 1.01 28.59
N THR A 1036 0.46 2.10 28.00
CA THR A 1036 -0.25 3.37 27.98
C THR A 1036 -0.01 4.05 26.64
N TYR A 1037 -0.78 5.10 26.36
CA TYR A 1037 -0.54 5.91 25.19
C TYR A 1037 -0.82 7.37 25.51
N PHE A 1038 -0.25 8.25 24.69
CA PHE A 1038 -0.44 9.70 24.81
C PHE A 1038 -0.86 10.24 23.45
N MET A 1039 -2.18 10.38 23.27
CA MET A 1039 -2.72 10.70 21.95
C MET A 1039 -2.43 12.15 21.60
N THR A 1040 -1.77 12.37 20.48
CA THR A 1040 -1.67 13.69 19.88
C THR A 1040 -1.97 13.53 18.39
N TYR A 1041 -1.59 14.53 17.61
CA TYR A 1041 -1.90 14.54 16.19
C TYR A 1041 -0.70 15.01 15.38
N HIS A 1042 -0.44 14.33 14.27
CA HIS A 1042 0.56 14.79 13.33
C HIS A 1042 0.12 16.12 12.73
N THR A 1043 1.10 16.88 12.24
CA THR A 1043 0.80 18.07 11.46
C THR A 1043 0.10 17.67 10.16
N VAL A 1044 -0.21 18.65 9.32
CA VAL A 1044 -0.83 18.36 8.04
C VAL A 1044 0.11 17.50 7.20
N LEU A 1045 -0.34 16.30 6.85
CA LEU A 1045 0.43 15.37 6.01
C LEU A 1045 -0.29 15.22 4.68
N GLN A 1046 0.42 15.54 3.59
CA GLN A 1046 -0.20 15.53 2.27
C GLN A 1046 0.71 14.88 1.23
N THR A 1047 1.94 15.36 1.14
CA THR A 1047 2.91 14.81 0.19
C THR A 1047 3.33 13.40 0.61
N SER A 1048 3.63 12.55 -0.38
CA SER A 1048 4.13 11.22 -0.09
C SER A 1048 5.40 11.26 0.76
N ALA A 1049 6.17 12.36 0.68
CA ALA A 1049 7.34 12.54 1.52
C ALA A 1049 6.96 13.00 2.93
N ASP A 1050 5.87 13.75 3.06
CA ASP A 1050 5.38 14.18 4.37
C ASP A 1050 5.26 13.00 5.32
N PHE A 1051 4.41 12.03 4.95
CA PHE A 1051 4.16 10.87 5.82
C PHE A 1051 5.47 10.21 6.27
N ILE A 1052 6.37 9.99 5.32
CA ILE A 1052 7.62 9.30 5.64
C ILE A 1052 8.42 10.12 6.65
N ASP A 1053 8.52 11.43 6.41
CA ASP A 1053 9.23 12.30 7.34
C ASP A 1053 8.60 12.23 8.73
N ALA A 1054 7.27 12.21 8.79
CA ALA A 1054 6.58 12.18 10.08
C ALA A 1054 6.88 10.89 10.83
N LEU A 1055 6.82 9.75 10.13
CA LEU A 1055 7.13 8.48 10.76
C LEU A 1055 8.58 8.44 11.26
N LYS A 1056 9.52 8.88 10.42
CA LYS A 1056 10.93 8.88 10.81
C LYS A 1056 11.15 9.73 12.05
N LYS A 1057 10.62 10.96 12.04
CA LYS A 1057 10.88 11.86 13.16
C LYS A 1057 10.17 11.40 14.43
N ALA A 1058 8.96 10.85 14.28
CA ALA A 1058 8.24 10.33 15.43
C ALA A 1058 9.03 9.20 16.09
N ARG A 1059 9.49 8.23 15.28
CA ARG A 1059 10.32 7.17 15.84
C ARG A 1059 11.62 7.71 16.44
N LEU A 1060 12.13 8.81 15.89
CA LEU A 1060 13.31 9.45 16.49
C LEU A 1060 12.99 9.97 17.89
N ILE A 1061 11.79 10.54 18.08
CA ILE A 1061 11.38 10.95 19.41
C ILE A 1061 11.23 9.73 20.32
N ALA A 1062 10.71 8.63 19.76
CA ALA A 1062 10.58 7.40 20.52
C ALA A 1062 11.93 6.95 21.07
N SER A 1063 12.93 6.85 20.20
CA SER A 1063 14.25 6.41 20.65
C SER A 1063 14.88 7.40 21.61
N ASN A 1064 14.75 8.70 21.32
CA ASN A 1064 15.35 9.74 22.15
C ASN A 1064 14.78 9.67 23.57
N VAL A 1065 13.48 9.42 23.69
CA VAL A 1065 12.86 9.20 24.99
C VAL A 1065 13.39 7.91 25.62
N THR A 1066 13.50 6.85 24.81
CA THR A 1066 13.84 5.54 25.36
C THR A 1066 15.23 5.53 25.98
N GLU A 1067 16.19 6.19 25.34
CA GLU A 1067 17.52 6.29 25.94
C GLU A 1067 17.47 7.04 27.28
N THR A 1068 16.58 8.04 27.39
CA THR A 1068 16.50 8.88 28.57
C THR A 1068 15.70 8.22 29.69
N MET A 1069 14.90 7.20 29.40
CA MET A 1069 14.21 6.49 30.47
C MET A 1069 15.12 5.54 31.23
N GLY A 1070 16.43 5.71 31.05
CA GLY A 1070 17.43 4.95 31.77
C GLY A 1070 17.22 3.46 31.67
N ILE A 1071 16.94 2.98 30.48
N ILE A 1071 17.03 2.95 30.46
CA ILE A 1071 16.60 1.58 30.25
CA ILE A 1071 16.87 1.51 30.25
C ILE A 1071 17.83 0.85 29.75
C ILE A 1071 17.49 1.07 28.93
N ASN A 1072 17.99 -0.39 30.19
N ASN A 1072 17.09 1.70 27.82
CA ASN A 1072 19.11 -1.25 29.80
CA ASN A 1072 17.63 1.46 26.48
C ASN A 1072 18.53 -2.47 29.11
C ASN A 1072 17.47 0.03 25.98
N GLY A 1073 18.34 -2.35 27.81
N GLY A 1073 17.80 -0.96 26.81
CA GLY A 1073 17.89 -3.48 27.01
CA GLY A 1073 17.68 -2.36 26.41
C GLY A 1073 16.42 -3.46 26.66
C GLY A 1073 16.25 -2.73 26.02
N SER A 1074 16.11 -3.93 25.45
CA SER A 1074 14.79 -4.28 24.93
C SER A 1074 13.76 -4.78 25.94
N ALA A 1075 13.79 -4.27 27.17
CA ALA A 1075 12.73 -4.60 28.12
C ALA A 1075 11.43 -3.91 27.74
N TYR A 1076 11.52 -2.66 27.27
CA TYR A 1076 10.38 -1.96 26.70
C TYR A 1076 10.90 -0.77 25.90
N ARG A 1077 10.08 -0.34 24.94
CA ARG A 1077 10.37 0.82 24.12
C ARG A 1077 9.17 1.76 24.12
N VAL A 1078 9.26 2.84 23.35
CA VAL A 1078 8.21 3.85 23.34
C VAL A 1078 7.78 4.16 21.90
N PHE A 1079 7.40 3.13 21.16
CA PHE A 1079 7.11 3.31 19.73
C PHE A 1079 5.82 4.13 19.53
N PRO A 1080 5.75 4.89 18.43
CA PRO A 1080 4.49 5.56 18.09
C PRO A 1080 3.65 4.77 17.10
N TYR A 1081 2.33 4.83 17.23
CA TYR A 1081 1.42 4.19 16.29
C TYR A 1081 0.53 5.22 15.64
N SER A 1082 0.16 4.96 14.38
CA SER A 1082 -0.82 5.77 13.68
C SER A 1082 -1.49 4.91 12.62
N VAL A 1083 -2.37 5.54 11.83
CA VAL A 1083 -3.10 4.81 10.81
C VAL A 1083 -2.16 4.32 9.71
N PHE A 1084 -1.19 5.15 9.33
CA PHE A 1084 -0.47 4.99 8.07
C PHE A 1084 0.96 4.49 8.21
N TYR A 1085 1.54 4.49 9.43
CA TYR A 1085 2.90 4.01 9.60
C TYR A 1085 3.09 2.64 8.97
N VAL A 1086 2.06 1.80 9.03
CA VAL A 1086 2.10 0.48 8.40
C VAL A 1086 2.28 0.63 6.90
N PHE A 1087 1.54 1.55 6.27
CA PHE A 1087 1.55 1.64 4.81
C PHE A 1087 2.83 2.31 4.29
N TYR A 1088 3.47 3.13 5.11
CA TYR A 1088 4.60 3.94 4.65
C TYR A 1088 5.92 3.57 5.30
N GLU A 1089 5.98 2.49 6.09
CA GLU A 1089 7.28 2.00 6.53
C GLU A 1089 8.00 1.27 5.41
N GLN A 1090 7.27 0.78 4.40
CA GLN A 1090 7.90 0.03 3.33
C GLN A 1090 8.86 0.90 2.52
N TYR A 1091 8.62 2.22 2.47
CA TYR A 1091 9.48 3.12 1.73
C TYR A 1091 10.78 3.44 2.44
N LEU A 1092 10.90 3.11 3.73
CA LEU A 1092 12.12 3.40 4.47
C LEU A 1092 13.29 2.53 4.00
N THR A 1093 13.01 1.40 3.36
CA THR A 1093 14.06 0.48 2.91
C THR A 1093 13.97 0.17 1.42
N ILE A 1094 13.14 0.89 0.66
CA ILE A 1094 12.92 0.58 -0.76
C ILE A 1094 14.24 0.56 -1.52
N ILE A 1095 15.17 1.44 -1.16
CA ILE A 1095 16.48 1.44 -1.81
C ILE A 1095 17.16 0.08 -1.62
N ASP A 1096 17.39 -0.29 -0.35
CA ASP A 1096 18.13 -1.51 -0.07
C ASP A 1096 17.39 -2.76 -0.52
N ASP A 1097 16.06 -2.75 -0.44
CA ASP A 1097 15.28 -3.91 -0.90
C ASP A 1097 15.35 -4.05 -2.41
N THR A 1098 15.29 -2.94 -3.15
CA THR A 1098 15.43 -2.98 -4.60
C THR A 1098 16.81 -3.48 -4.99
N ILE A 1099 17.85 -2.92 -4.40
CA ILE A 1099 19.21 -3.37 -4.69
C ILE A 1099 19.35 -4.85 -4.40
N PHE A 1100 18.86 -5.29 -3.24
CA PHE A 1100 18.96 -6.71 -2.88
C PHE A 1100 18.26 -7.59 -3.91
N ASN A 1101 17.01 -7.26 -4.26
CA ASN A 1101 16.25 -8.13 -5.15
C ASN A 1101 16.88 -8.20 -6.54
N LEU A 1102 17.26 -7.04 -7.09
CA LEU A 1102 17.84 -7.05 -8.44
C LEU A 1102 19.20 -7.72 -8.46
N GLY A 1103 20.00 -7.52 -7.40
CA GLY A 1103 21.26 -8.23 -7.29
C GLY A 1103 21.10 -9.73 -7.09
N VAL A 1104 19.99 -10.16 -6.50
CA VAL A 1104 19.74 -11.58 -6.30
C VAL A 1104 19.31 -12.23 -7.61
N SER A 1105 18.37 -11.59 -8.32
CA SER A 1105 17.99 -12.10 -9.63
C SER A 1105 19.19 -12.13 -10.59
N LEU A 1106 20.01 -11.08 -10.56
CA LEU A 1106 21.21 -11.07 -11.39
C LEU A 1106 22.18 -12.16 -10.98
N GLY A 1107 22.38 -12.34 -9.67
CA GLY A 1107 23.25 -13.42 -9.22
C GLY A 1107 22.77 -14.78 -9.69
N ALA A 1108 21.46 -15.00 -9.65
CA ALA A 1108 20.91 -16.27 -10.13
C ALA A 1108 21.14 -16.43 -11.62
N ILE A 1109 20.67 -15.47 -12.43
CA ILE A 1109 20.78 -15.59 -13.88
C ILE A 1109 22.24 -15.77 -14.29
N PHE A 1110 23.15 -15.05 -13.63
CA PHE A 1110 24.56 -15.20 -13.93
C PHE A 1110 25.08 -16.58 -13.52
N LEU A 1111 24.61 -17.11 -12.40
CA LEU A 1111 25.06 -18.44 -11.96
C LEU A 1111 24.58 -19.53 -12.92
N VAL A 1112 23.28 -19.57 -13.19
CA VAL A 1112 22.72 -20.57 -14.10
C VAL A 1112 23.30 -20.43 -15.50
N THR A 1113 23.50 -19.19 -15.95
CA THR A 1113 24.09 -19.00 -17.26
C THR A 1113 25.55 -19.42 -17.29
N MET A 1114 26.26 -19.30 -16.15
CA MET A 1114 27.64 -19.75 -16.08
C MET A 1114 27.72 -21.28 -16.10
N VAL A 1115 27.07 -21.93 -15.14
CA VAL A 1115 27.21 -23.38 -14.98
C VAL A 1115 26.49 -24.13 -16.10
N LEU A 1116 25.28 -23.68 -16.45
CA LEU A 1116 24.48 -24.39 -17.44
C LEU A 1116 25.09 -24.25 -18.83
N LEU A 1117 25.24 -23.01 -19.31
CA LEU A 1117 25.80 -22.78 -20.65
C LEU A 1117 27.28 -23.15 -20.61
N GLY A 1118 27.55 -24.45 -20.65
CA GLY A 1118 28.89 -24.95 -20.43
C GLY A 1118 29.54 -24.28 -19.24
N CYS A 1119 30.71 -23.70 -19.44
CA CYS A 1119 31.23 -22.80 -18.42
C CYS A 1119 31.73 -21.51 -19.06
N GLU A 1120 32.82 -21.00 -18.51
CA GLU A 1120 33.40 -19.70 -18.88
C GLU A 1120 32.47 -18.55 -18.52
N LEU A 1121 32.94 -17.67 -17.62
CA LEU A 1121 32.13 -16.56 -17.12
C LEU A 1121 31.73 -15.63 -18.24
N TRP A 1122 32.69 -15.18 -19.06
CA TRP A 1122 32.49 -14.05 -19.96
C TRP A 1122 31.20 -14.18 -20.77
N SER A 1123 30.89 -15.41 -21.20
CA SER A 1123 29.59 -15.66 -21.82
C SER A 1123 28.46 -15.16 -20.92
N ALA A 1124 28.56 -15.42 -19.62
CA ALA A 1124 27.53 -14.97 -18.69
C ALA A 1124 27.70 -13.49 -18.35
N VAL A 1125 28.88 -13.09 -17.88
CA VAL A 1125 29.11 -11.73 -17.39
C VAL A 1125 28.74 -10.70 -18.44
N ILE A 1126 28.88 -11.03 -19.73
CA ILE A 1126 28.39 -10.15 -20.78
C ILE A 1126 26.88 -10.00 -20.69
N MET A 1127 26.18 -11.13 -20.56
CA MET A 1127 24.72 -11.10 -20.46
C MET A 1127 24.28 -10.33 -19.21
N CYS A 1128 24.74 -10.77 -18.04
CA CYS A 1128 24.41 -10.11 -16.78
C CYS A 1128 24.66 -8.61 -16.86
N ALA A 1129 25.81 -8.21 -17.43
CA ALA A 1129 26.11 -6.79 -17.55
C ALA A 1129 25.10 -6.08 -18.45
N THR A 1130 24.73 -6.71 -19.56
CA THR A 1130 23.72 -6.14 -20.45
C THR A 1130 22.38 -5.97 -19.72
N ILE A 1131 21.98 -6.96 -18.91
CA ILE A 1131 20.75 -6.83 -18.13
C ILE A 1131 20.86 -5.64 -17.18
N ALA A 1132 22.01 -5.51 -16.50
CA ALA A 1132 22.22 -4.36 -15.63
C ALA A 1132 22.00 -3.06 -16.39
N MET A 1133 22.50 -2.98 -17.62
CA MET A 1133 22.19 -1.85 -18.47
C MET A 1133 20.69 -1.67 -18.65
N VAL A 1134 19.97 -2.78 -18.89
CA VAL A 1134 18.53 -2.68 -19.11
C VAL A 1134 17.84 -2.08 -17.89
N LEU A 1135 18.25 -2.48 -16.69
CA LEU A 1135 17.60 -1.98 -15.48
C LEU A 1135 17.95 -0.52 -15.22
N VAL A 1136 19.22 -0.17 -15.37
CA VAL A 1136 19.63 1.21 -15.13
C VAL A 1136 18.93 2.16 -16.10
N ASN A 1137 18.89 1.81 -17.38
CA ASN A 1137 18.14 2.63 -18.33
C ASN A 1137 16.65 2.61 -18.03
N MET A 1138 16.15 1.51 -17.44
CA MET A 1138 14.76 1.49 -17.00
C MET A 1138 14.49 2.58 -15.96
N PHE A 1139 15.36 2.65 -14.95
CA PHE A 1139 15.31 3.76 -13.98
C PHE A 1139 15.36 5.11 -14.70
N GLY A 1140 16.24 5.25 -15.68
CA GLY A 1140 16.29 6.48 -16.45
C GLY A 1140 14.97 6.82 -17.10
N VAL A 1141 14.22 5.80 -17.52
CA VAL A 1141 12.88 6.04 -18.06
C VAL A 1141 11.94 6.48 -16.96
N MET A 1142 12.03 5.85 -15.78
CA MET A 1142 11.23 6.29 -14.64
C MET A 1142 11.40 7.77 -14.38
N TRP A 1143 12.66 8.24 -14.33
CA TRP A 1143 12.90 9.66 -14.14
C TRP A 1143 12.36 10.48 -15.31
N LEU A 1144 12.65 10.05 -16.54
CA LEU A 1144 12.23 10.83 -17.70
C LEU A 1144 10.73 10.83 -17.89
N TRP A 1145 10.05 9.75 -17.48
CA TRP A 1145 8.62 9.63 -17.70
C TRP A 1145 7.82 9.77 -16.41
N GLY A 1146 8.45 10.27 -15.34
CA GLY A 1146 7.78 10.51 -14.08
C GLY A 1146 7.11 9.28 -13.49
N ILE A 1147 7.89 8.25 -13.18
CA ILE A 1147 7.38 7.01 -12.61
C ILE A 1147 7.98 6.83 -11.23
N SER A 1148 7.15 6.46 -10.26
CA SER A 1148 7.55 6.41 -8.87
C SER A 1148 8.24 5.08 -8.55
N LEU A 1149 8.72 4.93 -7.32
CA LEU A 1149 9.43 3.72 -6.93
C LEU A 1149 8.73 3.05 -5.75
N ASN A 1150 7.51 2.59 -5.96
CA ASN A 1150 6.75 1.89 -4.94
C ASN A 1150 6.72 0.39 -5.24
N ALA A 1151 5.89 -0.34 -4.52
CA ALA A 1151 5.87 -1.80 -4.67
C ALA A 1151 5.41 -2.23 -6.05
N VAL A 1152 4.51 -1.47 -6.68
CA VAL A 1152 4.04 -1.82 -8.03
C VAL A 1152 5.19 -1.72 -9.02
N SER A 1153 5.80 -0.53 -9.11
CA SER A 1153 6.91 -0.33 -10.04
C SER A 1153 8.05 -1.32 -9.74
N LEU A 1154 8.30 -1.59 -8.46
CA LEU A 1154 9.32 -2.57 -8.10
C LEU A 1154 8.98 -3.94 -8.67
N VAL A 1155 7.73 -4.38 -8.50
CA VAL A 1155 7.30 -5.66 -9.05
C VAL A 1155 7.54 -5.71 -10.55
N ASN A 1156 7.18 -4.64 -11.26
CA ASN A 1156 7.45 -4.61 -12.70
C ASN A 1156 8.94 -4.53 -13.01
N LEU A 1157 9.77 -4.13 -12.05
CA LEU A 1157 11.21 -4.16 -12.26
C LEU A 1157 11.75 -5.58 -12.15
N VAL A 1158 11.33 -6.31 -11.12
CA VAL A 1158 11.70 -7.71 -10.97
C VAL A 1158 11.26 -8.50 -12.21
N MET A 1159 9.99 -8.32 -12.60
CA MET A 1159 9.53 -8.92 -13.85
C MET A 1159 10.37 -8.48 -15.04
N SER A 1160 10.79 -7.20 -15.04
CA SER A 1160 11.56 -6.68 -16.16
C SER A 1160 12.87 -7.42 -16.33
N CYS A 1161 13.68 -7.46 -15.27
CA CYS A 1161 14.90 -8.25 -15.29
C CYS A 1161 14.59 -9.70 -15.62
N GLY A 1162 13.38 -10.16 -15.33
CA GLY A 1162 12.94 -11.45 -15.79
C GLY A 1162 12.88 -11.58 -17.31
N ILE A 1163 12.13 -10.70 -17.98
CA ILE A 1163 11.89 -10.90 -19.41
C ILE A 1163 13.07 -10.48 -20.28
N SER A 1164 13.95 -9.59 -19.79
CA SER A 1164 15.13 -9.23 -20.59
C SER A 1164 16.00 -10.45 -20.88
N VAL A 1165 15.93 -11.46 -20.02
CA VAL A 1165 16.65 -12.71 -20.25
C VAL A 1165 16.15 -13.41 -21.51
N GLU A 1166 14.87 -13.26 -21.85
CA GLU A 1166 14.37 -13.85 -23.09
C GLU A 1166 15.04 -13.24 -24.32
N PHE A 1167 15.41 -11.96 -24.24
CA PHE A 1167 16.19 -11.35 -25.33
C PHE A 1167 17.64 -11.83 -25.29
N CYS A 1168 18.35 -11.53 -24.19
CA CYS A 1168 19.80 -11.69 -24.20
C CYS A 1168 20.24 -13.15 -24.20
N SER A 1169 19.40 -14.04 -23.64
CA SER A 1169 19.86 -15.39 -23.32
C SER A 1169 20.04 -16.24 -24.58
N HIS A 1170 19.01 -16.32 -25.42
CA HIS A 1170 19.10 -17.17 -26.60
C HIS A 1170 20.21 -16.71 -27.53
N ILE A 1171 20.42 -15.39 -27.64
CA ILE A 1171 21.54 -14.88 -28.43
C ILE A 1171 22.87 -15.28 -27.82
N THR A 1172 23.01 -15.12 -26.51
CA THR A 1172 24.28 -15.46 -25.86
C THR A 1172 24.60 -16.94 -26.02
N ARG A 1173 23.59 -17.81 -25.91
CA ARG A 1173 23.82 -19.23 -26.14
C ARG A 1173 24.21 -19.50 -27.59
N ALA A 1174 23.38 -19.07 -28.54
CA ALA A 1174 23.65 -19.35 -29.94
C ALA A 1174 25.03 -18.86 -30.36
N PHE A 1175 25.51 -17.79 -29.74
CA PHE A 1175 26.88 -17.36 -29.97
C PHE A 1175 27.87 -18.31 -29.32
N THR A 1176 27.71 -18.58 -28.02
CA THR A 1176 28.79 -19.20 -27.26
C THR A 1176 29.12 -20.59 -27.79
N VAL A 1177 28.13 -21.33 -28.29
CA VAL A 1177 28.32 -22.67 -28.84
C VAL A 1177 28.23 -22.50 -30.36
N SER A 1178 29.39 -22.27 -30.97
CA SER A 1178 29.49 -22.11 -32.40
C SER A 1178 30.97 -22.19 -32.77
N MET A 1179 31.23 -22.56 -34.03
CA MET A 1179 32.60 -22.62 -34.56
C MET A 1179 32.59 -22.10 -35.99
N LYS A 1180 32.62 -20.77 -36.13
CA LYS A 1180 32.80 -20.12 -37.42
C LYS A 1180 34.15 -19.43 -37.46
N GLY A 1181 34.59 -19.11 -38.69
CA GLY A 1181 35.91 -18.55 -38.90
C GLY A 1181 36.15 -17.21 -38.23
N SER A 1182 35.11 -16.58 -37.68
CA SER A 1182 35.27 -15.29 -37.04
C SER A 1182 34.18 -15.10 -35.99
N ARG A 1183 34.48 -14.25 -35.00
CA ARG A 1183 33.49 -13.92 -33.98
C ARG A 1183 32.32 -13.15 -34.58
N VAL A 1184 32.61 -12.24 -35.50
CA VAL A 1184 31.58 -11.50 -36.21
C VAL A 1184 30.65 -12.45 -36.95
N GLU A 1185 31.20 -13.55 -37.47
CA GLU A 1185 30.36 -14.57 -38.13
C GLU A 1185 29.36 -15.17 -37.15
N ARG A 1186 29.86 -15.64 -35.99
CA ARG A 1186 28.99 -16.26 -35.01
C ARG A 1186 27.94 -15.27 -34.49
N ALA A 1187 28.31 -14.00 -34.34
CA ALA A 1187 27.33 -13.01 -33.92
C ALA A 1187 26.28 -12.78 -35.00
N GLU A 1188 26.68 -12.74 -36.27
CA GLU A 1188 25.71 -12.60 -37.35
C GLU A 1188 24.73 -13.75 -37.37
N GLU A 1189 25.23 -14.98 -37.29
CA GLU A 1189 24.36 -16.15 -37.30
C GLU A 1189 23.43 -16.13 -36.09
N ALA A 1190 23.99 -15.95 -34.89
CA ALA A 1190 23.19 -15.92 -33.67
C ALA A 1190 22.17 -14.81 -33.69
N LEU A 1191 22.39 -13.77 -34.49
CA LEU A 1191 21.42 -12.70 -34.66
C LEU A 1191 20.41 -12.99 -35.76
N ALA A 1192 20.72 -13.90 -36.68
CA ALA A 1192 19.81 -14.22 -37.77
C ALA A 1192 18.85 -15.36 -37.40
N HIS A 1193 19.38 -16.43 -36.81
CA HIS A 1193 18.54 -17.57 -36.43
C HIS A 1193 17.62 -17.23 -35.27
N MET A 1194 18.18 -17.14 -34.06
CA MET A 1194 17.38 -16.89 -32.88
C MET A 1194 16.77 -15.49 -32.89
N GLY A 1195 17.53 -14.49 -33.35
CA GLY A 1195 17.04 -13.12 -33.32
C GLY A 1195 15.75 -12.93 -34.10
N SER A 1196 15.69 -13.48 -35.32
CA SER A 1196 14.47 -13.39 -36.12
C SER A 1196 13.27 -14.01 -35.43
N SER A 1197 13.47 -14.90 -34.47
CA SER A 1197 12.37 -15.50 -33.73
C SER A 1197 12.04 -14.72 -32.47
N VAL A 1198 13.06 -14.29 -31.73
CA VAL A 1198 12.84 -13.42 -30.57
C VAL A 1198 12.09 -12.16 -30.99
N PHE A 1199 12.43 -11.59 -32.14
CA PHE A 1199 11.72 -10.42 -32.63
C PHE A 1199 10.24 -10.70 -32.89
N SER A 1200 9.85 -11.98 -32.96
CA SER A 1200 8.44 -12.35 -33.01
C SER A 1200 7.93 -12.83 -31.66
N GLY A 1201 8.74 -12.72 -30.61
CA GLY A 1201 8.27 -12.83 -29.23
C GLY A 1201 8.26 -11.43 -28.64
N ILE A 1202 8.20 -10.44 -29.54
CA ILE A 1202 8.25 -9.02 -29.22
C ILE A 1202 7.03 -8.32 -29.81
N THR A 1203 6.95 -8.31 -31.14
CA THR A 1203 5.95 -7.50 -31.84
C THR A 1203 4.53 -7.80 -31.39
N LEU A 1204 4.29 -8.91 -30.69
CA LEU A 1204 2.98 -9.11 -30.09
C LEU A 1204 2.84 -8.31 -28.80
N THR A 1205 3.86 -8.34 -27.94
CA THR A 1205 3.84 -7.54 -26.73
C THR A 1205 3.93 -6.05 -27.05
N LYS A 1206 4.57 -5.70 -28.16
CA LYS A 1206 4.55 -4.32 -28.61
C LYS A 1206 3.18 -3.96 -29.17
N PHE A 1207 2.64 -4.83 -30.04
CA PHE A 1207 1.29 -4.65 -30.56
C PHE A 1207 0.22 -4.77 -29.49
N GLY A 1208 0.59 -5.06 -28.25
CA GLY A 1208 -0.32 -4.98 -27.13
C GLY A 1208 -0.05 -3.72 -26.35
N GLY A 1209 1.23 -3.34 -26.27
CA GLY A 1209 1.56 -2.09 -25.61
C GLY A 1209 0.96 -0.90 -26.33
N ILE A 1210 0.65 -1.06 -27.62
CA ILE A 1210 -0.04 -0.04 -28.40
C ILE A 1210 -1.43 0.18 -27.83
N VAL A 1211 -2.27 -0.85 -27.94
CA VAL A 1211 -3.69 -0.72 -27.58
C VAL A 1211 -3.87 -0.48 -26.09
N VAL A 1212 -2.93 -0.94 -25.26
CA VAL A 1212 -3.03 -0.73 -23.81
C VAL A 1212 -3.19 0.75 -23.49
N LEU A 1213 -2.45 1.62 -24.18
CA LEU A 1213 -2.55 3.05 -23.91
C LEU A 1213 -3.83 3.66 -24.46
N ALA A 1214 -4.32 3.19 -25.61
CA ALA A 1214 -5.31 3.89 -26.40
C ALA A 1214 -6.64 4.10 -25.68
N PHE A 1215 -6.86 3.46 -24.54
CA PHE A 1215 -8.15 3.59 -23.87
C PHE A 1215 -8.05 3.31 -22.37
N ALA A 1216 -6.84 3.08 -21.87
CA ALA A 1216 -6.66 2.89 -20.45
C ALA A 1216 -6.96 4.19 -19.71
N LYS A 1217 -8.01 4.17 -18.88
CA LYS A 1217 -8.39 5.36 -18.14
C LYS A 1217 -7.64 5.51 -16.83
N SER A 1218 -7.40 4.40 -16.13
CA SER A 1218 -6.69 4.44 -14.86
C SER A 1218 -5.31 5.05 -15.04
N GLN A 1219 -5.09 6.25 -14.50
CA GLN A 1219 -3.79 6.88 -14.65
C GLN A 1219 -2.69 6.08 -13.98
N ILE A 1220 -3.03 5.23 -13.01
CA ILE A 1220 -2.05 4.26 -12.51
C ILE A 1220 -1.64 3.32 -13.62
N PHE A 1221 -2.60 2.88 -14.44
CA PHE A 1221 -2.29 1.99 -15.55
C PHE A 1221 -1.51 2.72 -16.64
N GLN A 1222 -1.95 3.93 -17.00
CA GLN A 1222 -1.27 4.70 -18.03
C GLN A 1222 0.16 5.01 -17.61
N ILE A 1223 0.38 5.27 -16.32
CA ILE A 1223 1.68 5.70 -15.84
C ILE A 1223 2.58 4.53 -15.49
N PHE A 1224 2.06 3.57 -14.73
CA PHE A 1224 2.90 2.48 -14.23
C PHE A 1224 2.99 1.32 -15.22
N TYR A 1225 1.86 0.70 -15.54
CA TYR A 1225 1.91 -0.54 -16.29
C TYR A 1225 2.24 -0.29 -17.77
N PHE A 1226 1.51 0.61 -18.42
CA PHE A 1226 1.80 0.88 -19.83
C PHE A 1226 3.21 1.39 -20.03
N ARG A 1227 3.60 2.44 -19.30
CA ARG A 1227 4.88 3.08 -19.57
C ARG A 1227 6.06 2.18 -19.21
N MET A 1228 6.00 1.51 -18.06
CA MET A 1228 7.09 0.61 -17.71
C MET A 1228 7.12 -0.61 -18.62
N TYR A 1229 5.96 -1.07 -19.09
CA TYR A 1229 5.93 -2.17 -20.06
C TYR A 1229 6.62 -1.75 -21.36
N LEU A 1230 6.26 -0.57 -21.89
CA LEU A 1230 6.89 -0.06 -23.09
C LEU A 1230 8.39 0.06 -22.92
N ALA A 1231 8.82 0.60 -21.77
CA ALA A 1231 10.25 0.77 -21.51
C ALA A 1231 10.95 -0.57 -21.45
N MET A 1232 10.31 -1.58 -20.87
CA MET A 1232 10.96 -2.88 -20.73
C MET A 1232 11.04 -3.60 -22.07
N VAL A 1233 10.01 -3.45 -22.92
CA VAL A 1233 10.00 -4.14 -24.20
C VAL A 1233 10.97 -3.49 -25.17
N LEU A 1234 10.84 -2.18 -25.39
CA LEU A 1234 11.76 -1.54 -26.33
C LEU A 1234 13.18 -1.51 -25.78
N LEU A 1235 13.33 -1.23 -24.49
CA LEU A 1235 14.66 -1.16 -23.90
C LEU A 1235 15.35 -2.52 -23.95
N GLY A 1236 14.69 -3.57 -23.48
CA GLY A 1236 15.28 -4.89 -23.52
C GLY A 1236 15.52 -5.38 -24.93
N ALA A 1237 14.56 -5.15 -25.83
CA ALA A 1237 14.71 -5.61 -27.21
C ALA A 1237 15.91 -4.95 -27.88
N THR A 1238 16.04 -3.63 -27.76
CA THR A 1238 17.21 -2.95 -28.34
C THR A 1238 18.50 -3.41 -27.68
N HIS A 1239 18.48 -3.61 -26.36
CA HIS A 1239 19.67 -4.07 -25.66
C HIS A 1239 20.00 -5.53 -25.95
N GLY A 1240 19.13 -6.25 -26.65
CA GLY A 1240 19.35 -7.65 -26.93
C GLY A 1240 19.62 -7.97 -28.40
N LEU A 1241 19.01 -7.20 -29.30
CA LEU A 1241 19.14 -7.43 -30.73
C LEU A 1241 20.02 -6.41 -31.44
N ILE A 1242 20.61 -5.46 -30.71
CA ILE A 1242 21.42 -4.41 -31.32
C ILE A 1242 22.76 -4.29 -30.59
N PHE A 1243 22.73 -4.15 -29.27
CA PHE A 1243 23.95 -3.99 -28.50
C PHE A 1243 24.67 -5.32 -28.29
N LEU A 1244 23.96 -6.32 -27.78
CA LEU A 1244 24.59 -7.59 -27.42
C LEU A 1244 25.37 -8.25 -28.55
N PRO A 1245 24.86 -8.32 -29.80
CA PRO A 1245 25.72 -8.82 -30.88
C PRO A 1245 27.02 -8.06 -31.02
N VAL A 1246 26.96 -6.72 -31.03
CA VAL A 1246 28.17 -5.92 -31.20
C VAL A 1246 29.14 -6.18 -30.05
N LEU A 1247 28.63 -6.29 -28.82
CA LEU A 1247 29.50 -6.55 -27.68
C LEU A 1247 30.16 -7.92 -27.80
N LEU A 1248 29.39 -8.95 -28.16
CA LEU A 1248 29.97 -10.27 -28.36
C LEU A 1248 30.97 -10.30 -29.50
N SER A 1249 30.81 -9.40 -30.47
CA SER A 1249 31.72 -9.31 -31.60
C SER A 1249 33.09 -8.73 -31.23
N TYR A 1250 33.36 -8.52 -29.94
CA TYR A 1250 34.64 -7.98 -29.51
C TYR A 1250 35.10 -8.66 -28.24
N ILE A 1251 34.17 -8.98 -27.34
CA ILE A 1251 34.51 -9.63 -26.08
C ILE A 1251 33.97 -11.06 -25.98
N GLY A 1252 33.17 -11.52 -26.93
CA GLY A 1252 32.63 -12.85 -26.90
C GLY A 1252 33.70 -13.92 -26.83
N PRO A 1253 33.36 -15.08 -26.26
CA PRO A 1253 34.35 -16.16 -26.11
C PRO A 1253 34.55 -16.94 -27.40
N SER A 1254 35.73 -17.56 -27.51
CA SER A 1254 36.18 -18.20 -28.73
C SER A 1254 36.13 -19.71 -28.60
N VAL A 1255 35.46 -20.36 -29.56
CA VAL A 1255 35.45 -21.81 -29.70
C VAL A 1255 35.27 -22.16 -31.18
C1 NAG B . -26.08 12.80 25.93
C2 NAG B . -27.30 13.37 25.18
C3 NAG B . -27.60 14.79 25.66
C4 NAG B . -27.76 14.80 27.18
C5 NAG B . -26.48 14.29 27.84
C6 NAG B . -26.56 14.21 29.34
C7 NAG B . -28.10 13.52 22.86
C8 NAG B . -27.72 13.47 21.42
N2 NAG B . -27.11 13.35 23.75
O3 NAG B . -28.78 15.27 25.04
O4 NAG B . -28.09 16.09 27.66
O5 NAG B . -26.20 12.95 27.39
O6 NAG B . -26.18 12.93 29.81
O7 NAG B . -29.26 13.71 23.22
C1 NAG B . -29.52 16.02 27.92
C2 NAG B . -29.94 17.14 28.86
C3 NAG B . -31.48 17.23 28.90
C4 NAG B . -32.16 16.04 28.23
C5 NAG B . -31.64 15.79 26.81
C6 NAG B . -32.37 16.55 25.74
C7 NAG B . -28.33 17.59 30.65
C8 NAG B . -27.90 17.26 32.05
N2 NAG B . -29.40 16.94 30.19
O3 NAG B . -31.88 18.44 28.28
O4 NAG B . -31.96 14.83 28.97
O5 NAG B . -30.24 16.14 26.69
O6 NAG B . -32.62 15.74 24.60
O7 NAG B . -27.72 18.41 29.96
C1 NAG C . -7.98 37.47 12.86
C2 NAG C . -8.47 38.63 12.00
C3 NAG C . -7.88 39.94 12.50
C4 NAG C . -8.22 40.14 13.96
C5 NAG C . -7.67 38.98 14.78
C6 NAG C . -8.04 39.05 16.25
C7 NAG C . -9.05 37.91 9.73
C8 NAG C . -8.56 37.75 8.32
N2 NAG C . -8.16 38.41 10.60
O3 NAG C . -8.38 41.01 11.71
O4 NAG C . -7.75 41.39 14.44
O5 NAG C . -8.18 37.72 14.29
O6 NAG C . -9.18 38.25 16.53
O7 NAG C . -10.19 37.61 10.06
C1 NAG C . -8.97 42.15 14.72
C2 NAG C . -8.72 43.15 15.86
C3 NAG C . -9.95 44.02 16.11
C4 NAG C . -11.10 43.70 15.15
C5 NAG C . -10.71 43.47 13.68
C6 NAG C . -10.64 44.73 12.86
C7 NAG C . -7.05 42.21 17.42
C8 NAG C . -6.84 41.50 18.72
N2 NAG C . -8.33 42.46 17.08
O3 NAG C . -9.55 45.39 16.05
O4 NAG C . -11.79 42.53 15.57
O5 NAG C . -9.44 42.82 13.55
O6 NAG C . -11.15 44.50 11.54
O7 NAG C . -6.12 42.57 16.71
C1 MAN C . -10.51 46.39 16.49
C2 MAN C . -10.64 47.26 15.30
C3 MAN C . -9.22 47.74 15.20
C4 MAN C . -8.99 48.91 16.09
C5 MAN C . -8.99 48.24 17.51
C6 MAN C . -9.13 49.22 18.66
O2 MAN C . -11.45 48.41 15.56
O3 MAN C . -8.62 47.61 13.92
O4 MAN C . -7.73 49.51 15.84
O5 MAN C . -10.09 47.17 17.64
O6 MAN C . -8.12 50.22 18.52
C1 NAG D . 4.59 26.94 11.50
C2 NAG D . 5.19 28.37 11.34
C3 NAG D . 4.11 29.40 11.00
C4 NAG D . 3.10 28.82 10.01
C5 NAG D . 2.29 27.74 10.71
C6 NAG D . 1.64 26.77 9.75
C7 NAG D . 7.11 28.20 12.85
C8 NAG D . 7.76 28.72 14.10
N2 NAG D . 5.94 28.76 12.52
O3 NAG D . 4.80 30.51 10.43
O4 NAG D . 2.19 29.77 9.44
O5 NAG D . 3.09 26.97 11.63
O6 NAG D . 1.98 27.06 8.40
O7 NAG D . 7.62 27.32 12.17
C1 NAG D . 1.94 30.99 10.21
C2 NAG D . 2.47 32.21 9.36
C3 NAG D . 1.38 32.79 8.43
C4 NAG D . 0.07 33.08 9.15
C5 NAG D . -0.46 31.81 9.83
C6 NAG D . -0.94 30.75 8.87
C7 NAG D . 2.81 33.66 11.37
C8 NAG D . 3.68 34.74 11.95
N2 NAG D . 3.14 33.24 10.14
O3 NAG D . 1.20 31.97 7.28
O4 NAG D . 0.43 33.96 10.20
O5 NAG D . 0.52 31.21 10.70
O6 NAG D . -1.36 29.57 9.56
O7 NAG D . 1.82 33.25 11.97
C1 MAN D . -0.39 35.17 10.03
C2 MAN D . 0.00 36.15 8.80
C3 MAN D . -1.27 36.93 8.53
C4 MAN D . -1.74 37.59 9.85
C5 MAN D . -0.64 37.44 10.95
C6 MAN D . -0.94 38.16 12.25
O2 MAN D . 0.31 35.53 7.55
O3 MAN D . -2.16 35.92 8.14
O4 MAN D . -2.02 38.97 9.64
O5 MAN D . -0.43 35.99 11.22
O6 MAN D . 0.26 38.79 12.70
C1 NAG E . -33.15 9.79 13.93
C2 NAG E . -34.56 10.27 13.59
C3 NAG E . -34.71 11.75 13.95
C4 NAG E . -34.30 12.00 15.39
C5 NAG E . -32.91 11.43 15.66
C6 NAG E . -32.48 11.53 17.10
C7 NAG E . -35.97 9.43 11.77
C8 NAG E . -36.12 9.29 10.28
N2 NAG E . -34.86 10.05 12.19
O3 NAG E . -36.06 12.15 13.74
O4 NAG E . -34.29 13.40 15.66
O5 NAG E . -32.88 10.04 15.31
O6 NAG E . -31.37 10.68 17.37
O7 NAG E . -36.82 9.01 12.55
C1 NAG F . -36.16 -9.78 6.80
C2 NAG F . -36.93 -10.03 5.50
C3 NAG F . -38.43 -9.92 5.74
C4 NAG F . -38.86 -10.83 6.88
C5 NAG F . -38.03 -10.55 8.12
C6 NAG F . -38.31 -11.52 9.26
C7 NAG F . -36.75 -9.29 3.16
C8 NAG F . -36.24 -8.21 2.24
N2 NAG F . -36.51 -9.10 4.46
O3 NAG F . -39.15 -10.27 4.56
O4 NAG F . -40.24 -10.61 7.19
O5 NAG F . -36.64 -10.69 7.81
O6 NAG F . -37.27 -12.47 9.40
O7 NAG F . -37.35 -10.27 2.74
C1 NAG G . -21.01 27.21 37.41
C2 NAG G . -22.24 26.42 37.89
C3 NAG G . -23.23 27.37 38.57
C4 NAG G . -22.54 28.15 39.68
C5 NAG G . -21.28 28.85 39.15
C6 NAG G . -20.48 29.52 40.23
C7 NAG G . -23.49 24.55 36.91
C8 NAG G . -24.11 23.99 35.66
N2 NAG G . -22.88 25.73 36.78
O3 NAG G . -24.31 26.62 39.11
O4 NAG G . -23.42 29.13 40.21
O5 NAG G . -20.42 27.89 38.52
O6 NAG G . -20.31 28.67 41.36
O7 NAG G . -23.54 23.94 37.97
C1 NAG H . -30.22 28.80 3.99
C2 NAG H . -30.36 30.29 4.25
C3 NAG H . -31.81 30.62 4.55
C4 NAG H . -32.71 30.13 3.42
C5 NAG H . -32.45 28.64 3.14
C6 NAG H . -33.19 28.13 1.92
C7 NAG H . -29.07 31.97 5.48
C8 NAG H . -28.17 32.25 6.65
N2 NAG H . -29.49 30.72 5.34
O3 NAG H . -31.97 32.02 4.71
O4 NAG H . -34.08 30.31 3.77
O5 NAG H . -31.05 28.41 2.90
O6 NAG H . -32.36 28.17 0.77
O7 NAG H . -29.39 32.86 4.70
C1 NAG I . 17.36 18.93 30.38
C2 NAG I . 17.56 19.36 28.91
C3 NAG I . 19.03 19.22 28.50
C4 NAG I . 19.91 19.98 29.46
C5 NAG I . 19.71 19.47 30.87
C6 NAG I . 20.52 20.24 31.89
C7 NAG I . 16.40 18.97 26.77
C8 NAG I . 15.50 18.05 26.01
N2 NAG I . 16.70 18.60 28.01
O3 NAG I . 19.21 19.72 27.19
O4 NAG I . 21.28 19.84 29.09
O5 NAG I . 18.34 19.62 31.24
O6 NAG I . 19.93 20.21 33.18
O7 NAG I . 16.84 20.01 26.28
C1 NAG J . -14.97 9.08 59.56
C2 NAG J . -15.56 10.35 60.20
C3 NAG J . -14.89 10.64 61.55
C4 NAG J . -14.90 9.40 62.44
C5 NAG J . -14.27 8.24 61.70
C6 NAG J . -14.30 6.94 62.48
C7 NAG J . -16.21 11.74 58.27
C8 NAG J . -15.90 12.97 57.48
N2 NAG J . -15.41 11.49 59.31
O3 NAG J . -15.58 11.71 62.20
O4 NAG J . -14.17 9.66 63.64
O5 NAG J . -15.00 8.01 60.49
O6 NAG J . -14.14 5.83 61.60
O7 NAG J . -17.15 10.99 57.99
C1 NAG K . -22.41 8.54 40.68
C2 NAG K . -23.90 8.34 40.99
C3 NAG K . -24.70 8.03 39.71
C4 NAG K . -24.39 9.05 38.62
C5 NAG K . -22.88 9.10 38.40
C6 NAG K . -22.44 10.08 37.36
C7 NAG K . -25.17 7.14 42.72
C8 NAG K . -25.17 5.98 43.67
N2 NAG K . -24.09 7.28 41.96
O3 NAG K . -26.08 8.05 40.01
O4 NAG K . -25.03 8.69 37.41
O5 NAG K . -22.24 9.48 39.62
O6 NAG K . -22.18 11.35 37.91
O7 NAG K . -26.11 7.92 42.65
C1 NAG L . 18.22 12.68 22.99
C2 NAG L . 18.11 13.57 24.26
C3 NAG L . 19.37 14.41 24.48
C4 NAG L . 20.62 13.55 24.39
C5 NAG L . 20.62 12.74 23.10
C6 NAG L . 21.80 11.81 22.98
C7 NAG L . 16.50 15.37 23.47
C8 NAG L . 17.43 15.73 22.33
N2 NAG L . 16.89 14.38 24.31
O3 NAG L . 19.29 15.05 25.75
O4 NAG L . 21.78 14.39 24.41
O5 NAG L . 19.44 11.93 23.04
O6 NAG L . 21.46 10.63 22.26
O7 NAG L . 15.44 15.95 23.63
O1 MES M . -3.16 0.19 -6.69
C2 MES M . -4.05 0.53 -7.75
C3 MES M . -4.55 -0.73 -8.46
N4 MES M . -3.39 -1.55 -8.83
C5 MES M . -2.36 -1.79 -7.83
C6 MES M . -1.98 -0.47 -7.18
C7 MES M . -3.62 -2.62 -9.78
C8 MES M . -3.44 -2.04 -11.17
S MES M . -4.94 -1.97 -11.90
O1S MES M . -5.62 -0.71 -11.53
O2S MES M . -5.75 -3.12 -11.46
O3S MES M . -4.78 -2.02 -13.36
#